data_8BFU
#
_entry.id   8BFU
#
_cell.length_a   58.288
_cell.length_b   135.256
_cell.length_c   142.670
_cell.angle_alpha   90.000
_cell.angle_beta   90.000
_cell.angle_gamma   90.000
#
_symmetry.space_group_name_H-M   'P 21 21 21'
#
loop_
_entity.id
_entity.type
_entity.pdbx_description
1 polymer 'Phosphatidylinositol 4,5-bisphosphate 3-kinase catalytic subunit alpha isoform'
2 water water
#
_entity_poly.entity_id   1
_entity_poly.type   'polypeptide(L)'
_entity_poly.pdbx_seq_one_letter_code
;GSVGNREEKILNREIGFAIGMPVCEFDMVKDPEVQDFRRNILNVCKEAVDLRDLNSPHSRAMYVYPPNVESSPELPKHIY
NKLDKGQIIVVIWVIVSPNNDKQKYTLKINHDCVPEQVIAEAIRKKTRSMLLSSEQLKLCVLEYQGKYILKVCGCDEYFL
EKYPLSQYKYIRSCIMLGRMPNLMLMAKESLYSQLPMDCFTMPSYSRRISTATPYMNGETSTKSLWVINSALRIKILCAT
YVNVNIRDIDKIYVRTGIYHGGEPLCDNVNTQRVPCSNPRWNEWLNYDIYIPDLPRAARLCLSICSVKGRKGAKEEHCPL
AWGNINLFDYTDTLVSGKMALNLWPVPHGLEDLLNPIGVTGSNPNKETPCLELEFDWFSSVVKFPDMSVIEEHANWSVSR
EAGFSYSHAGLSNRLARDNELRENDKEQLKAISTRDPLSEITEQEKDFLWSHRHYCVTIPEILPKLLLSVKWNSRDEVAQ
MYCLVKDWPPIKPEQAMELLDCNYPDPMVRGFAVRCLEKYLTDDKLSQYLIQLVQVLKYEQYLDNLLVRFLLKKALTNQR
IGHFFFWHLKSEMHNKTVSQRFGLLLESYCRACGMYLKHLNRQVEAMEKLINLTDILKQEKKDETQKVQMKFLVEQMRRP
DFMDALQGFLSPLNPAHQLGNLRLEECRIMSSAKRPLWLNWENPDIMSELLFQNNEIIFKNGDDLRQDMLTLQIIRIMEN
IWQNQGLDLRMLPYGCLSIGDCVGLIEVVRNSHTIMQIQCKGGLKGALQFNSHTLHQWLKDKNKGEIYDAAIDLFTRSCA
GYCVATFILGIGDRHNSNIMVKDDGQLFHIDFGHFLDHKKKKFGYKRERVPFVLTQDFLIVISKGAQECTKTREFERFQE
MCYKAYLAIRQHANLFINLFSMMLGSGMPELQSFDDIAYIRKTLALDKTEQEALEYFMKQMNDAHH
;
_entity_poly.pdbx_strand_id   A
#
# COMPACT_ATOMS: atom_id res chain seq x y z
N ASN A 5 -11.37 19.88 -30.21
CA ASN A 5 -11.25 18.91 -31.30
C ASN A 5 -12.29 17.82 -31.09
N ARG A 6 -12.33 16.83 -31.99
CA ARG A 6 -13.25 15.71 -31.92
C ARG A 6 -12.66 14.50 -31.21
N GLU A 7 -11.40 14.15 -31.52
CA GLU A 7 -10.76 13.05 -30.81
C GLU A 7 -10.59 13.35 -29.33
N GLU A 8 -10.44 14.63 -28.97
CA GLU A 8 -10.30 14.98 -27.57
C GLU A 8 -11.60 14.77 -26.81
N LYS A 9 -12.74 14.95 -27.47
CA LYS A 9 -14.00 14.75 -26.77
C LYS A 9 -14.25 13.27 -26.53
N ILE A 10 -13.83 12.42 -27.47
CA ILE A 10 -13.95 10.98 -27.26
C ILE A 10 -13.01 10.53 -26.15
N LEU A 11 -11.77 11.02 -26.18
CA LEU A 11 -10.82 10.66 -25.13
C LEU A 11 -11.29 11.13 -23.76
N ASN A 12 -11.94 12.30 -23.70
CA ASN A 12 -12.47 12.76 -22.42
C ASN A 12 -13.66 11.92 -21.97
N ARG A 13 -14.43 11.39 -22.92
CA ARG A 13 -15.49 10.45 -22.58
C ARG A 13 -14.90 9.17 -22.00
N GLU A 14 -13.81 8.67 -22.59
CA GLU A 14 -13.19 7.45 -22.10
C GLU A 14 -12.55 7.67 -20.73
N ILE A 15 -11.92 8.83 -20.53
CA ILE A 15 -11.35 9.15 -19.23
C ILE A 15 -12.44 9.28 -18.19
N GLY A 16 -13.54 9.95 -18.54
CA GLY A 16 -14.63 10.12 -17.60
C GLY A 16 -15.27 8.80 -17.19
N PHE A 17 -15.43 7.88 -18.14
CA PHE A 17 -16.03 6.59 -17.82
C PHE A 17 -15.13 5.78 -16.91
N ALA A 18 -13.81 5.86 -17.12
CA ALA A 18 -12.88 5.12 -16.28
C ALA A 18 -12.90 5.62 -14.85
N ILE A 19 -12.96 6.94 -14.67
CA ILE A 19 -12.93 7.54 -13.34
C ILE A 19 -14.30 7.56 -12.66
N GLY A 20 -15.38 7.51 -13.43
CA GLY A 20 -16.71 7.65 -12.85
C GLY A 20 -17.10 9.08 -12.62
N MET A 21 -16.47 10.02 -13.32
CA MET A 21 -16.55 11.42 -13.08
C MET A 21 -16.27 12.16 -14.38
N PRO A 22 -17.14 13.07 -14.80
CA PRO A 22 -16.90 13.79 -16.06
C PRO A 22 -15.67 14.68 -15.97
N VAL A 23 -14.92 14.73 -17.08
CA VAL A 23 -13.75 15.60 -17.16
C VAL A 23 -14.15 17.06 -16.96
N CYS A 24 -15.34 17.44 -17.45
CA CYS A 24 -15.78 18.83 -17.34
C CYS A 24 -15.95 19.28 -15.89
N GLU A 25 -16.16 18.34 -14.96
CA GLU A 25 -16.22 18.74 -13.55
C GLU A 25 -14.87 19.20 -13.05
N PHE A 26 -13.78 18.66 -13.62
CA PHE A 26 -12.44 19.15 -13.31
C PHE A 26 -12.25 20.57 -13.84
N ASP A 27 -12.78 20.84 -15.03
CA ASP A 27 -12.66 22.17 -15.62
C ASP A 27 -13.42 23.22 -14.82
N MET A 28 -14.50 22.81 -14.14
CA MET A 28 -15.34 23.78 -13.44
C MET A 28 -14.68 24.35 -12.19
N VAL A 29 -13.69 23.65 -11.64
CA VAL A 29 -13.08 24.06 -10.38
C VAL A 29 -12.11 25.21 -10.63
N LYS A 30 -12.31 26.31 -9.90
CA LYS A 30 -11.51 27.51 -10.08
C LYS A 30 -10.38 27.63 -9.07
N ASP A 31 -10.25 26.68 -8.15
CA ASP A 31 -9.09 26.60 -7.27
C ASP A 31 -7.84 26.53 -8.15
N PRO A 32 -6.98 27.53 -8.11
CA PRO A 32 -5.80 27.51 -9.01
C PRO A 32 -4.86 26.37 -8.74
N GLU A 33 -4.79 25.85 -7.51
CA GLU A 33 -3.97 24.67 -7.25
C GLU A 33 -4.42 23.51 -8.12
N VAL A 34 -5.73 23.36 -8.30
CA VAL A 34 -6.27 22.30 -9.13
C VAL A 34 -5.82 22.47 -10.57
N GLN A 35 -6.01 23.67 -11.13
CA GLN A 35 -5.69 23.86 -12.53
C GLN A 35 -4.19 23.78 -12.78
N ASP A 36 -3.40 24.33 -11.86
CA ASP A 36 -1.95 24.21 -11.98
C ASP A 36 -1.52 22.75 -11.94
N PHE A 37 -2.15 21.94 -11.07
CA PHE A 37 -1.84 20.52 -11.03
C PHE A 37 -2.12 19.86 -12.38
N ARG A 38 -3.31 20.12 -12.93
CA ARG A 38 -3.70 19.48 -14.17
C ARG A 38 -2.73 19.79 -15.30
N ARG A 39 -2.15 21.00 -15.30
CA ARG A 39 -1.19 21.35 -16.34
C ARG A 39 0.21 20.89 -15.95
N ASN A 40 0.63 21.22 -14.73
CA ASN A 40 2.03 21.01 -14.35
C ASN A 40 2.40 19.54 -14.28
N ILE A 41 1.44 18.67 -13.96
CA ILE A 41 1.72 17.23 -13.88
C ILE A 41 1.97 16.62 -15.24
N LEU A 42 1.62 17.33 -16.32
CA LEU A 42 1.72 16.78 -17.67
C LEU A 42 3.16 16.56 -18.14
N ASN A 43 4.16 17.16 -17.48
CA ASN A 43 5.53 16.85 -17.86
C ASN A 43 5.92 15.44 -17.44
N VAL A 44 5.38 14.95 -16.32
CA VAL A 44 5.56 13.55 -15.96
C VAL A 44 4.99 12.66 -17.05
N CYS A 45 3.89 13.09 -17.67
CA CYS A 45 3.27 12.32 -18.74
C CYS A 45 4.18 12.24 -19.97
N LYS A 46 4.75 13.38 -20.38
CA LYS A 46 5.58 13.37 -21.57
C LYS A 46 6.87 12.60 -21.35
N GLU A 47 7.47 12.75 -20.16
CA GLU A 47 8.68 11.99 -19.83
C GLU A 47 8.41 10.50 -19.87
N ALA A 48 7.28 10.07 -19.30
CA ALA A 48 6.95 8.65 -19.31
C ALA A 48 6.70 8.15 -20.72
N VAL A 49 5.97 8.93 -21.54
CA VAL A 49 5.71 8.52 -22.92
C VAL A 49 7.00 8.46 -23.72
N ASP A 50 7.91 9.40 -23.47
CA ASP A 50 9.19 9.39 -24.16
C ASP A 50 10.06 8.21 -23.74
N LEU A 51 9.97 7.80 -22.46
CA LEU A 51 10.68 6.61 -22.03
C LEU A 51 10.17 5.37 -22.75
N ARG A 52 8.89 5.35 -23.12
CA ARG A 52 8.30 4.23 -23.84
C ARG A 52 8.53 4.32 -25.34
N ASP A 53 8.93 5.49 -25.86
CA ASP A 53 9.21 5.65 -27.27
C ASP A 53 10.69 5.56 -27.61
N LEU A 54 11.57 5.87 -26.66
CA LEU A 54 12.99 5.59 -26.84
C LEU A 54 13.20 4.09 -26.89
N ASN A 55 13.72 3.59 -28.02
CA ASN A 55 13.97 2.16 -28.25
C ASN A 55 12.68 1.40 -28.53
N SER A 56 11.72 2.05 -29.20
CA SER A 56 10.55 1.34 -29.68
C SER A 56 10.99 0.27 -30.69
N PRO A 57 10.22 -0.82 -30.83
CA PRO A 57 8.99 -1.20 -30.13
C PRO A 57 9.26 -2.00 -28.85
N HIS A 58 10.49 -2.48 -28.70
CA HIS A 58 10.86 -3.23 -27.50
C HIS A 58 10.67 -2.39 -26.24
N SER A 59 10.70 -1.06 -26.36
CA SER A 59 10.47 -0.20 -25.20
C SER A 59 9.02 -0.23 -24.77
N ARG A 60 8.09 -0.29 -25.72
CA ARG A 60 6.67 -0.29 -25.38
C ARG A 60 6.19 -1.70 -24.98
N ALA A 61 6.90 -2.74 -25.39
CA ALA A 61 6.58 -4.09 -24.90
C ALA A 61 7.06 -4.29 -23.48
N MET A 62 8.24 -3.75 -23.16
CA MET A 62 8.68 -3.67 -21.77
C MET A 62 7.65 -2.97 -20.90
N TYR A 63 7.05 -1.90 -21.41
CA TYR A 63 6.02 -1.19 -20.66
C TYR A 63 4.79 -2.07 -20.45
N VAL A 64 4.25 -2.64 -21.53
CA VAL A 64 2.98 -3.35 -21.42
C VAL A 64 3.18 -4.71 -20.75
N TYR A 65 4.33 -5.35 -20.92
CA TYR A 65 4.61 -6.65 -20.32
C TYR A 65 5.94 -6.62 -19.60
N PRO A 66 6.01 -5.95 -18.45
CA PRO A 66 7.26 -5.88 -17.72
C PRO A 66 7.67 -7.27 -17.23
N PRO A 67 8.96 -7.49 -17.04
CA PRO A 67 9.41 -8.76 -16.46
C PRO A 67 8.87 -8.91 -15.04
N ASN A 68 8.40 -10.12 -14.72
CA ASN A 68 7.92 -10.44 -13.38
C ASN A 68 9.04 -11.20 -12.69
N VAL A 69 9.98 -10.45 -12.11
CA VAL A 69 11.23 -11.01 -11.61
C VAL A 69 11.34 -10.77 -10.10
N GLU A 70 12.16 -11.62 -9.47
CA GLU A 70 12.41 -11.49 -8.04
C GLU A 70 13.29 -10.27 -7.75
N SER A 71 13.59 -10.07 -6.47
CA SER A 71 14.43 -8.94 -6.07
C SER A 71 15.89 -9.16 -6.44
N SER A 72 16.41 -10.37 -6.18
CA SER A 72 17.83 -10.65 -6.40
C SER A 72 18.00 -11.89 -7.25
N PRO A 73 19.04 -11.92 -8.10
CA PRO A 73 19.30 -13.13 -8.88
C PRO A 73 19.80 -14.30 -8.06
N GLU A 74 20.25 -14.08 -6.83
CA GLU A 74 20.76 -15.18 -6.02
C GLU A 74 19.64 -16.08 -5.54
N LEU A 75 19.93 -17.38 -5.48
CA LEU A 75 19.01 -18.44 -5.09
C LEU A 75 19.35 -18.92 -3.68
N PRO A 76 18.36 -19.08 -2.80
CA PRO A 76 18.62 -19.69 -1.50
C PRO A 76 19.04 -21.15 -1.67
N LYS A 77 19.52 -21.74 -0.56
CA LYS A 77 20.03 -23.11 -0.63
C LYS A 77 18.93 -24.09 -0.97
N HIS A 78 17.77 -23.98 -0.31
CA HIS A 78 16.68 -24.94 -0.54
C HIS A 78 16.11 -24.80 -1.95
N ILE A 79 16.37 -23.68 -2.62
CA ILE A 79 15.97 -23.53 -4.02
C ILE A 79 16.99 -24.21 -4.93
N TYR A 80 18.28 -23.96 -4.71
CA TYR A 80 19.31 -24.57 -5.55
C TYR A 80 19.31 -26.08 -5.41
N ASN A 81 19.03 -26.58 -4.19
CA ASN A 81 19.02 -28.02 -3.96
C ASN A 81 17.90 -28.74 -4.70
N LYS A 82 16.89 -27.99 -5.17
CA LYS A 82 15.86 -28.59 -6.01
C LYS A 82 16.44 -29.00 -7.36
N LEU A 83 17.62 -28.51 -7.71
CA LEU A 83 18.15 -28.58 -9.07
C LEU A 83 19.46 -29.35 -9.02
N ASP A 84 19.42 -30.59 -9.50
CA ASP A 84 20.62 -31.42 -9.50
C ASP A 84 21.66 -30.86 -10.47
N LYS A 85 22.86 -30.60 -9.96
CA LYS A 85 23.98 -30.09 -10.75
C LYS A 85 23.64 -28.74 -11.38
N GLY A 86 22.89 -27.93 -10.64
CA GLY A 86 22.50 -26.61 -11.10
C GLY A 86 21.79 -26.61 -12.42
N GLN A 87 20.94 -27.62 -12.66
CA GLN A 87 20.26 -27.79 -13.93
C GLN A 87 18.75 -27.88 -13.70
N ILE A 88 17.99 -27.15 -14.52
CA ILE A 88 16.54 -27.11 -14.43
C ILE A 88 15.96 -27.83 -15.65
N ILE A 89 14.84 -28.50 -15.45
CA ILE A 89 14.12 -29.14 -16.55
C ILE A 89 12.93 -28.26 -16.91
N VAL A 90 12.93 -27.78 -18.16
CA VAL A 90 11.94 -26.82 -18.64
C VAL A 90 11.37 -27.33 -19.96
N VAL A 91 10.05 -27.29 -20.08
CA VAL A 91 9.37 -27.70 -21.30
C VAL A 91 9.04 -26.47 -22.13
N ILE A 92 9.41 -26.51 -23.41
CA ILE A 92 9.27 -25.39 -24.33
C ILE A 92 8.30 -25.80 -25.44
N TRP A 93 7.27 -24.98 -25.65
CA TRP A 93 6.18 -25.32 -26.55
C TRP A 93 6.22 -24.47 -27.81
N VAL A 94 5.95 -25.09 -28.95
CA VAL A 94 5.95 -24.44 -30.26
C VAL A 94 4.75 -24.94 -31.05
N ILE A 95 4.14 -24.05 -31.84
CA ILE A 95 2.98 -24.37 -32.66
C ILE A 95 3.42 -24.36 -34.12
N VAL A 96 3.34 -25.52 -34.78
CA VAL A 96 3.90 -25.64 -36.12
C VAL A 96 2.91 -25.19 -37.18
N SER A 97 1.68 -25.64 -37.08
CA SER A 97 0.64 -25.30 -38.03
C SER A 97 -0.32 -24.29 -37.45
N PRO A 98 -0.99 -23.48 -38.30
CA PRO A 98 -1.98 -22.53 -37.80
C PRO A 98 -3.19 -23.17 -37.14
N ASN A 99 -3.24 -24.51 -37.04
CA ASN A 99 -4.32 -25.22 -36.36
C ASN A 99 -3.97 -25.52 -34.91
N ASN A 100 -3.05 -24.75 -34.32
CA ASN A 100 -2.70 -24.83 -32.90
C ASN A 100 -2.20 -26.23 -32.53
N ASP A 101 -1.30 -26.76 -33.35
CA ASP A 101 -0.73 -28.07 -33.09
C ASP A 101 0.35 -27.98 -32.02
N LYS A 102 0.23 -28.79 -30.99
CA LYS A 102 1.18 -28.78 -29.88
C LYS A 102 2.45 -29.55 -30.25
N GLN A 103 3.61 -28.96 -29.96
CA GLN A 103 4.87 -29.69 -30.02
C GLN A 103 5.71 -29.23 -28.84
N LYS A 104 5.90 -30.13 -27.88
CA LYS A 104 6.71 -29.87 -26.70
C LYS A 104 8.13 -30.35 -26.91
N TYR A 105 9.09 -29.57 -26.43
CA TYR A 105 10.50 -29.93 -26.45
C TYR A 105 11.06 -29.68 -25.06
N THR A 106 11.42 -30.75 -24.36
CA THR A 106 11.90 -30.63 -22.99
C THR A 106 13.40 -30.33 -22.98
N LEU A 107 13.80 -29.41 -22.12
CA LEU A 107 15.16 -28.90 -22.06
C LEU A 107 15.73 -29.07 -20.66
N LYS A 108 17.06 -29.19 -20.58
CA LYS A 108 17.77 -29.28 -19.31
C LYS A 108 18.96 -28.32 -19.39
N ILE A 109 18.85 -27.19 -18.68
CA ILE A 109 19.77 -26.07 -18.87
C ILE A 109 20.09 -25.43 -17.52
N ASN A 110 21.14 -24.61 -17.51
CA ASN A 110 21.52 -23.86 -16.33
C ASN A 110 20.45 -22.84 -15.98
N HIS A 111 20.20 -22.65 -14.68
CA HIS A 111 19.13 -21.77 -14.24
C HIS A 111 19.40 -20.31 -14.57
N ASP A 112 20.67 -19.93 -14.71
CA ASP A 112 21.04 -18.54 -14.93
C ASP A 112 21.01 -18.15 -16.40
N CYS A 113 20.46 -19.00 -17.26
CA CYS A 113 20.46 -18.70 -18.68
C CYS A 113 19.47 -17.61 -19.02
N VAL A 114 19.90 -16.68 -19.86
CA VAL A 114 19.04 -15.62 -20.38
C VAL A 114 18.00 -16.29 -21.28
N PRO A 115 16.84 -15.65 -21.50
CA PRO A 115 15.84 -16.26 -22.39
C PRO A 115 16.38 -16.56 -23.78
N GLU A 116 17.32 -15.77 -24.29
CA GLU A 116 17.89 -16.03 -25.60
C GLU A 116 18.64 -17.36 -25.63
N GLN A 117 19.30 -17.71 -24.52
CA GLN A 117 19.98 -19.00 -24.44
C GLN A 117 18.98 -20.16 -24.37
N VAL A 118 17.81 -19.93 -23.77
CA VAL A 118 16.81 -20.99 -23.74
C VAL A 118 16.16 -21.16 -25.11
N ILE A 119 16.02 -20.07 -25.87
CA ILE A 119 15.51 -20.17 -27.23
C ILE A 119 16.48 -20.94 -28.11
N ALA A 120 17.78 -20.74 -27.91
CA ALA A 120 18.78 -21.43 -28.73
C ALA A 120 18.76 -22.93 -28.48
N GLU A 121 18.80 -23.35 -27.21
CA GLU A 121 18.73 -24.77 -26.89
C GLU A 121 17.42 -25.39 -27.35
N ALA A 122 16.33 -24.63 -27.31
CA ALA A 122 15.04 -25.15 -27.77
C ALA A 122 15.01 -25.29 -29.28
N ILE A 123 15.63 -24.35 -29.99
CA ILE A 123 15.60 -24.41 -31.45
C ILE A 123 16.62 -25.40 -32.00
N ARG A 124 17.61 -25.81 -31.21
CA ARG A 124 18.56 -26.81 -31.69
C ARG A 124 17.98 -28.21 -31.54
N LYS A 125 17.31 -28.50 -30.43
CA LYS A 125 16.63 -29.79 -30.28
C LYS A 125 15.34 -29.85 -31.09
N LYS A 126 14.90 -28.73 -31.65
CA LYS A 126 13.81 -28.72 -32.62
C LYS A 126 14.26 -29.18 -33.99
N THR A 127 15.55 -29.05 -34.29
CA THR A 127 16.12 -29.41 -35.59
C THR A 127 16.82 -30.75 -35.58
N ARG A 128 16.71 -31.52 -34.49
CA ARG A 128 17.43 -32.78 -34.39
C ARG A 128 17.01 -33.78 -35.46
N SER A 129 15.86 -33.57 -36.11
CA SER A 129 15.46 -34.40 -37.24
C SER A 129 16.40 -34.17 -38.42
N GLY A 146 16.80 -14.84 -31.85
CA GLY A 146 16.77 -13.40 -32.05
C GLY A 146 15.47 -12.89 -32.62
N LYS A 147 14.63 -13.81 -33.08
CA LYS A 147 13.32 -13.49 -33.64
C LYS A 147 12.16 -13.99 -32.79
N TYR A 148 12.44 -14.65 -31.66
CA TYR A 148 11.40 -15.21 -30.82
C TYR A 148 11.52 -14.69 -29.40
N ILE A 149 10.46 -14.90 -28.62
CA ILE A 149 10.42 -14.57 -27.20
C ILE A 149 9.70 -15.69 -26.47
N LEU A 150 9.90 -15.72 -25.17
CA LEU A 150 9.26 -16.72 -24.32
C LEU A 150 8.02 -16.15 -23.68
N LYS A 151 6.96 -16.95 -23.66
CA LYS A 151 5.69 -16.60 -23.02
C LYS A 151 5.30 -17.70 -22.06
N VAL A 152 4.79 -17.32 -20.89
CA VAL A 152 4.30 -18.31 -19.94
C VAL A 152 3.01 -18.92 -20.48
N CYS A 153 2.97 -20.25 -20.52
CA CYS A 153 1.79 -20.95 -21.01
C CYS A 153 0.61 -20.69 -20.08
N GLY A 154 -0.49 -20.17 -20.64
CA GLY A 154 -1.73 -20.02 -19.90
C GLY A 154 -2.03 -18.61 -19.44
N CYS A 155 -1.13 -17.66 -19.61
CA CYS A 155 -1.38 -16.28 -19.19
C CYS A 155 -0.46 -15.35 -19.99
N ASP A 156 -0.77 -14.06 -19.92
CA ASP A 156 -0.05 -13.05 -20.70
C ASP A 156 1.12 -12.49 -19.91
N GLU A 157 2.11 -13.35 -19.69
CA GLU A 157 3.37 -12.96 -19.09
C GLU A 157 4.51 -13.39 -20.01
N TYR A 158 5.50 -12.53 -20.15
CA TYR A 158 6.58 -12.71 -21.10
C TYR A 158 7.91 -12.57 -20.39
N PHE A 159 8.97 -13.06 -21.05
CA PHE A 159 10.34 -12.99 -20.56
C PHE A 159 11.13 -12.14 -21.56
N LEU A 160 11.05 -10.82 -21.41
CA LEU A 160 11.58 -9.93 -22.43
C LEU A 160 13.01 -9.46 -22.14
N GLU A 161 13.41 -9.36 -20.87
CA GLU A 161 14.77 -8.94 -20.53
C GLU A 161 15.70 -10.13 -20.30
N LYS A 162 16.98 -9.81 -20.18
CA LYS A 162 18.05 -10.79 -20.10
C LYS A 162 18.28 -11.24 -18.66
N TYR A 163 17.22 -11.29 -17.88
CA TYR A 163 17.35 -11.78 -16.51
C TYR A 163 17.72 -13.26 -16.51
N PRO A 164 18.44 -13.73 -15.50
CA PRO A 164 18.60 -15.17 -15.31
C PRO A 164 17.22 -15.81 -15.17
N LEU A 165 17.02 -16.90 -15.91
CA LEU A 165 15.69 -17.49 -15.99
C LEU A 165 15.13 -17.81 -14.61
N SER A 166 15.99 -18.24 -13.68
CA SER A 166 15.54 -18.55 -12.33
C SER A 166 15.10 -17.32 -11.55
N GLN A 167 15.37 -16.11 -12.05
CA GLN A 167 14.97 -14.91 -11.33
C GLN A 167 13.53 -14.50 -11.63
N TYR A 168 13.01 -14.87 -12.79
CA TYR A 168 11.58 -14.69 -13.06
C TYR A 168 10.76 -15.45 -12.01
N LYS A 169 9.74 -14.78 -11.47
CA LYS A 169 8.98 -15.35 -10.37
C LYS A 169 8.31 -16.65 -10.76
N TYR A 170 7.85 -16.76 -12.02
CA TYR A 170 7.26 -18.01 -12.48
C TYR A 170 8.26 -19.15 -12.40
N ILE A 171 9.44 -18.97 -13.00
CA ILE A 171 10.45 -20.02 -12.99
C ILE A 171 10.91 -20.30 -11.56
N ARG A 172 11.14 -19.23 -10.78
CA ARG A 172 11.49 -19.41 -9.37
C ARG A 172 10.47 -20.26 -8.65
N SER A 173 9.18 -19.97 -8.86
CA SER A 173 8.12 -20.72 -8.18
C SER A 173 8.07 -22.17 -8.66
N CYS A 174 8.27 -22.40 -9.96
CA CYS A 174 8.30 -23.78 -10.45
C CYS A 174 9.45 -24.56 -9.82
N ILE A 175 10.57 -23.91 -9.54
CA ILE A 175 11.63 -24.55 -8.77
C ILE A 175 11.18 -24.76 -7.33
N MET A 176 10.53 -23.75 -6.74
CA MET A 176 10.06 -23.86 -5.37
C MET A 176 9.06 -25.00 -5.21
N LEU A 177 8.05 -25.04 -6.07
CA LEU A 177 6.97 -26.02 -5.97
C LEU A 177 7.36 -27.39 -6.51
N GLY A 178 8.54 -27.53 -7.11
CA GLY A 178 8.87 -28.77 -7.80
C GLY A 178 7.93 -29.07 -8.95
N ARG A 179 7.50 -28.04 -9.67
CA ARG A 179 6.57 -28.18 -10.78
C ARG A 179 7.28 -27.84 -12.08
N MET A 180 6.74 -28.35 -13.19
CA MET A 180 7.40 -28.26 -14.47
C MET A 180 7.13 -26.90 -15.12
N PRO A 181 8.16 -26.13 -15.45
CA PRO A 181 7.94 -24.88 -16.20
C PRO A 181 7.48 -25.18 -17.63
N ASN A 182 6.41 -24.51 -18.05
CA ASN A 182 5.86 -24.64 -19.39
C ASN A 182 5.90 -23.26 -20.05
N LEU A 183 6.70 -23.15 -21.11
CA LEU A 183 6.90 -21.90 -21.82
C LEU A 183 6.53 -22.07 -23.29
N MET A 184 6.45 -20.95 -24.01
CA MET A 184 6.07 -20.96 -25.41
C MET A 184 6.91 -20.00 -26.22
N LEU A 185 7.46 -20.49 -27.32
CA LEU A 185 8.06 -19.62 -28.33
C LEU A 185 6.97 -18.87 -29.10
N MET A 186 7.19 -17.58 -29.27
CA MET A 186 6.30 -16.75 -30.07
C MET A 186 7.16 -15.69 -30.74
N ALA A 187 7.03 -15.55 -32.05
CA ALA A 187 7.84 -14.59 -32.79
C ALA A 187 7.61 -13.18 -32.27
N LYS A 188 8.68 -12.38 -32.26
CA LYS A 188 8.55 -10.99 -31.81
C LYS A 188 7.50 -10.24 -32.62
N GLU A 189 7.39 -10.54 -33.91
CA GLU A 189 6.41 -9.86 -34.76
C GLU A 189 4.98 -10.11 -34.27
N SER A 190 4.73 -11.27 -33.67
CA SER A 190 3.39 -11.56 -33.16
C SER A 190 3.02 -10.62 -32.02
N LEU A 191 3.87 -10.54 -30.99
CA LEU A 191 3.56 -9.68 -29.85
C LEU A 191 3.58 -8.21 -30.22
N TYR A 192 4.58 -7.79 -31.01
CA TYR A 192 4.72 -6.36 -31.32
C TYR A 192 3.53 -5.85 -32.12
N SER A 193 3.05 -6.62 -33.09
CA SER A 193 1.94 -6.16 -33.92
C SER A 193 0.65 -6.02 -33.12
N GLN A 194 0.54 -6.70 -31.98
CA GLN A 194 -0.65 -6.63 -31.16
C GLN A 194 -0.55 -5.58 -30.07
N LEU A 195 0.57 -4.87 -29.99
CA LEU A 195 0.71 -3.76 -29.04
C LEU A 195 0.56 -2.45 -29.81
N PRO A 196 -0.60 -1.81 -29.77
CA PRO A 196 -0.78 -0.58 -30.53
C PRO A 196 0.09 0.55 -29.98
N MET A 197 0.52 1.43 -30.88
CA MET A 197 1.38 2.53 -30.47
C MET A 197 0.56 3.64 -29.82
N ASP A 198 1.21 4.40 -28.94
CA ASP A 198 0.58 5.42 -28.13
C ASP A 198 0.76 6.78 -28.81
N CYS A 199 -0.34 7.46 -29.06
CA CYS A 199 -0.32 8.80 -29.66
C CYS A 199 -0.72 9.83 -28.61
N PHE A 200 0.12 9.97 -27.58
CA PHE A 200 -0.18 10.92 -26.52
C PHE A 200 -0.17 12.34 -27.07
N THR A 201 -1.34 12.99 -26.98
CA THR A 201 -1.51 14.37 -27.41
C THR A 201 -1.63 15.24 -26.17
N MET A 202 -0.83 16.31 -26.13
CA MET A 202 -1.05 17.33 -25.11
C MET A 202 -2.45 17.94 -25.29
N PRO A 203 -3.21 18.10 -24.20
CA PRO A 203 -4.61 18.56 -24.32
C PRO A 203 -4.77 20.06 -24.25
N SER A 204 -5.96 20.52 -24.63
CA SER A 204 -6.25 21.93 -24.89
C SER A 204 -6.30 22.76 -23.62
N TYR A 205 -5.83 22.21 -22.50
CA TYR A 205 -6.13 22.76 -21.20
C TYR A 205 -4.85 23.00 -20.41
N SER A 206 -3.71 22.58 -20.98
CA SER A 206 -2.39 22.98 -20.54
C SER A 206 -1.98 24.35 -21.08
N ARG A 207 -2.47 24.72 -22.28
CA ARG A 207 -2.20 26.03 -22.86
C ARG A 207 -3.20 27.03 -22.29
N ARG A 208 -2.90 27.49 -21.07
CA ARG A 208 -3.75 28.45 -20.37
C ARG A 208 -2.90 29.43 -19.56
N THR A 222 6.87 41.38 -2.49
CA THR A 222 6.88 40.19 -1.63
C THR A 222 7.93 40.32 -0.53
N LYS A 223 7.57 39.88 0.68
CA LYS A 223 8.46 39.91 1.83
C LYS A 223 8.50 38.53 2.47
N SER A 224 9.65 38.15 3.00
CA SER A 224 9.81 36.85 3.63
C SER A 224 9.07 36.80 4.97
N LEU A 225 8.83 35.58 5.46
CA LEU A 225 8.33 35.45 6.83
C LEU A 225 9.37 35.89 7.85
N TRP A 226 10.65 35.65 7.57
CA TRP A 226 11.68 35.93 8.55
C TRP A 226 11.84 37.42 8.82
N VAL A 227 11.35 38.28 7.93
CA VAL A 227 11.43 39.72 8.12
C VAL A 227 10.11 40.24 8.66
N ILE A 228 9.36 39.37 9.34
CA ILE A 228 8.07 39.72 9.95
C ILE A 228 8.13 39.29 11.41
N ASN A 229 8.33 40.27 12.30
CA ASN A 229 8.39 40.01 13.74
C ASN A 229 7.02 40.29 14.37
N SER A 230 6.13 39.30 14.25
CA SER A 230 4.81 39.38 14.84
C SER A 230 4.41 38.03 15.40
N ALA A 231 3.58 38.06 16.43
CA ALA A 231 2.92 36.84 16.86
C ALA A 231 1.73 36.56 15.95
N LEU A 232 1.42 35.28 15.79
CA LEU A 232 0.34 34.88 14.90
C LEU A 232 -1.00 35.10 15.58
N ARG A 233 -1.93 35.73 14.86
CA ARG A 233 -3.31 35.84 15.31
C ARG A 233 -4.25 35.63 14.14
N ILE A 234 -5.36 34.96 14.41
CA ILE A 234 -6.32 34.55 13.38
C ILE A 234 -7.71 34.98 13.82
N LYS A 235 -8.54 35.34 12.85
CA LYS A 235 -9.87 35.90 13.11
C LYS A 235 -10.93 34.83 12.87
N ILE A 236 -11.64 34.46 13.93
CA ILE A 236 -12.81 33.60 13.84
C ILE A 236 -14.04 34.49 13.95
N LEU A 237 -14.71 34.70 12.83
CA LEU A 237 -15.75 35.72 12.73
C LEU A 237 -17.14 35.13 12.93
N CYS A 238 -17.63 34.34 11.98
CA CYS A 238 -18.98 33.81 12.05
C CYS A 238 -19.00 32.38 11.52
N ALA A 239 -20.18 31.75 11.60
CA ALA A 239 -20.38 30.38 11.17
C ALA A 239 -21.80 30.23 10.62
N THR A 240 -21.93 29.42 9.56
CA THR A 240 -23.20 29.22 8.89
C THR A 240 -23.47 27.72 8.72
N TYR A 241 -24.72 27.41 8.39
CA TYR A 241 -25.20 26.02 8.31
C TYR A 241 -24.89 25.26 9.59
N VAL A 242 -25.11 25.91 10.73
CA VAL A 242 -24.77 25.31 12.01
C VAL A 242 -26.08 24.92 12.69
N ASN A 243 -27.00 24.34 11.94
CA ASN A 243 -28.23 23.87 12.56
C ASN A 243 -27.92 22.63 13.39
N VAL A 244 -28.45 22.60 14.61
CA VAL A 244 -28.23 21.47 15.51
C VAL A 244 -29.33 21.50 16.55
N ASN A 245 -29.61 20.34 17.14
CA ASN A 245 -30.73 20.22 18.07
C ASN A 245 -30.54 21.13 19.27
N ILE A 246 -31.57 21.93 19.58
CA ILE A 246 -31.53 22.76 20.79
C ILE A 246 -31.43 21.89 22.02
N ARG A 247 -32.00 20.69 21.99
CA ARG A 247 -31.88 19.75 23.09
C ARG A 247 -30.42 19.44 23.37
N ASP A 248 -30.04 19.52 24.65
CA ASP A 248 -28.69 19.20 25.11
C ASP A 248 -27.62 20.11 24.49
N ILE A 249 -28.01 21.30 24.07
CA ILE A 249 -27.06 22.29 23.54
C ILE A 249 -27.46 23.67 24.01
N ASP A 250 -26.57 24.32 24.76
CA ASP A 250 -26.75 25.68 25.23
C ASP A 250 -25.87 26.67 24.49
N LYS A 251 -24.60 26.35 24.31
CA LYS A 251 -23.62 27.28 23.76
C LYS A 251 -22.63 26.49 22.90
N ILE A 252 -22.01 27.21 21.95
CA ILE A 252 -21.06 26.64 21.01
C ILE A 252 -19.93 27.66 20.82
N TYR A 253 -18.83 27.21 20.24
CA TYR A 253 -17.54 27.82 20.52
C TYR A 253 -16.56 27.19 19.54
N VAL A 254 -15.49 27.91 19.19
CA VAL A 254 -14.55 27.41 18.18
C VAL A 254 -13.23 27.10 18.85
N ARG A 255 -12.82 25.83 18.80
CA ARG A 255 -11.52 25.40 19.32
C ARG A 255 -10.52 25.33 18.17
N THR A 256 -9.38 26.00 18.35
CA THR A 256 -8.35 26.04 17.33
C THR A 256 -7.04 25.53 17.89
N GLY A 257 -6.17 25.11 16.99
CA GLY A 257 -4.84 24.64 17.34
C GLY A 257 -3.91 24.63 16.14
N ILE A 258 -2.66 25.04 16.36
CA ILE A 258 -1.64 25.05 15.33
C ILE A 258 -0.80 23.79 15.51
N TYR A 259 -0.73 22.98 14.45
CA TYR A 259 -0.05 21.69 14.49
C TYR A 259 1.00 21.61 13.38
N HIS A 260 1.96 20.72 13.60
CA HIS A 260 2.94 20.32 12.61
C HIS A 260 2.93 18.79 12.59
N GLY A 261 2.19 18.21 11.65
CA GLY A 261 2.15 16.75 11.56
C GLY A 261 1.60 16.07 12.80
N GLY A 262 0.56 16.64 13.40
CA GLY A 262 -0.06 16.02 14.56
C GLY A 262 0.52 16.39 15.90
N GLU A 263 1.63 17.15 15.93
CA GLU A 263 2.16 17.62 17.20
C GLU A 263 1.93 19.11 17.31
N PRO A 264 1.34 19.59 18.41
CA PRO A 264 1.00 21.02 18.51
C PRO A 264 2.24 21.89 18.64
N LEU A 265 2.28 22.97 17.85
CA LEU A 265 3.36 23.94 17.92
C LEU A 265 3.19 24.94 19.05
N CYS A 266 2.00 25.03 19.64
CA CYS A 266 1.71 25.94 20.75
C CYS A 266 0.45 25.45 21.44
N ASP A 267 -0.04 26.23 22.40
CA ASP A 267 -1.24 25.85 23.12
C ASP A 267 -2.47 26.07 22.26
N ASN A 268 -3.44 25.18 22.39
CA ASN A 268 -4.72 25.32 21.72
C ASN A 268 -5.51 26.46 22.35
N VAL A 269 -5.94 27.44 21.54
CA VAL A 269 -6.66 28.60 22.03
C VAL A 269 -8.10 28.52 21.53
N ASN A 270 -9.05 28.60 22.45
CA ASN A 270 -10.46 28.53 22.08
C ASN A 270 -11.03 29.93 21.93
N THR A 271 -12.19 30.00 21.28
CA THR A 271 -12.98 31.21 21.32
C THR A 271 -13.91 31.19 22.53
N GLN A 272 -14.57 32.32 22.75
CA GLN A 272 -15.52 32.43 23.84
C GLN A 272 -16.85 31.79 23.44
N ARG A 273 -17.52 31.18 24.43
CA ARG A 273 -18.81 30.57 24.20
C ARG A 273 -19.83 31.60 23.70
N VAL A 274 -20.60 31.22 22.69
CA VAL A 274 -21.60 32.11 22.09
C VAL A 274 -22.91 31.36 21.95
N PRO A 275 -24.03 32.09 21.81
CA PRO A 275 -25.32 31.41 21.66
C PRO A 275 -25.38 30.54 20.42
N CYS A 276 -26.22 29.50 20.50
CA CYS A 276 -26.33 28.54 19.41
C CYS A 276 -27.07 29.12 18.21
N SER A 277 -27.99 30.05 18.44
CA SER A 277 -28.81 30.58 17.35
C SER A 277 -28.03 31.60 16.50
N ASN A 278 -27.10 32.34 17.10
CA ASN A 278 -26.31 33.35 16.39
C ASN A 278 -24.83 33.03 16.55
N PRO A 279 -24.22 32.28 15.61
CA PRO A 279 -22.81 31.86 15.75
C PRO A 279 -21.80 32.92 15.27
N ARG A 280 -21.74 34.04 15.98
CA ARG A 280 -20.80 35.12 15.65
C ARG A 280 -19.81 35.29 16.78
N TRP A 281 -18.53 35.28 16.46
CA TRP A 281 -17.47 35.51 17.42
C TRP A 281 -16.74 36.83 17.19
N ASN A 282 -16.33 37.10 15.95
CA ASN A 282 -15.63 38.33 15.59
C ASN A 282 -14.42 38.53 16.51
N GLU A 283 -13.60 37.49 16.60
CA GLU A 283 -12.58 37.38 17.64
C GLU A 283 -11.24 37.01 17.04
N TRP A 284 -10.21 37.81 17.34
CA TRP A 284 -8.84 37.49 16.98
C TRP A 284 -8.20 36.69 18.10
N LEU A 285 -7.67 35.51 17.77
CA LEU A 285 -7.05 34.64 18.75
C LEU A 285 -5.54 34.69 18.62
N ASN A 286 -4.86 34.81 19.76
CA ASN A 286 -3.41 34.94 19.80
C ASN A 286 -2.79 33.60 20.19
N TYR A 287 -1.65 33.27 19.58
CA TYR A 287 -1.01 31.99 19.76
C TYR A 287 0.44 32.19 20.21
N ASP A 288 0.93 31.26 21.03
CA ASP A 288 2.30 31.32 21.55
C ASP A 288 3.25 30.73 20.50
N ILE A 289 3.41 31.48 19.42
CA ILE A 289 4.36 31.16 18.36
C ILE A 289 4.56 32.41 17.51
N TYR A 290 5.78 32.65 17.06
CA TYR A 290 6.10 33.83 16.28
C TYR A 290 6.23 33.44 14.81
N ILE A 291 5.74 34.33 13.95
CA ILE A 291 5.53 33.99 12.53
C ILE A 291 6.80 33.46 11.85
N PRO A 292 7.97 34.09 12.00
CA PRO A 292 9.15 33.54 11.31
C PRO A 292 9.54 32.15 11.79
N ASP A 293 9.05 31.71 12.95
CA ASP A 293 9.28 30.36 13.44
C ASP A 293 8.24 29.35 12.95
N LEU A 294 7.23 29.79 12.20
CA LEU A 294 6.25 28.86 11.66
C LEU A 294 6.92 27.91 10.68
N PRO A 295 6.79 26.59 10.86
CA PRO A 295 7.37 25.65 9.89
C PRO A 295 6.55 25.62 8.61
N ARG A 296 7.18 25.08 7.57
CA ARG A 296 6.57 25.09 6.24
C ARG A 296 5.25 24.33 6.21
N ALA A 297 5.15 23.25 6.99
CA ALA A 297 3.97 22.41 6.99
C ALA A 297 2.97 22.78 8.08
N ALA A 298 3.08 23.99 8.65
CA ALA A 298 2.19 24.40 9.72
C ALA A 298 0.74 24.41 9.24
N ARG A 299 -0.16 23.91 10.09
CA ARG A 299 -1.57 23.79 9.73
C ARG A 299 -2.45 24.29 10.87
N LEU A 300 -3.56 24.91 10.50
CA LEU A 300 -4.59 25.32 11.46
C LEU A 300 -5.61 24.19 11.58
N CYS A 301 -5.66 23.58 12.76
CA CYS A 301 -6.63 22.53 13.04
C CYS A 301 -7.70 23.11 13.96
N LEU A 302 -8.93 23.17 13.46
CA LEU A 302 -10.02 23.79 14.19
C LEU A 302 -11.24 22.87 14.20
N SER A 303 -12.21 23.22 15.03
CA SER A 303 -13.45 22.47 15.13
C SER A 303 -14.50 23.33 15.83
N ILE A 304 -15.76 22.94 15.63
CA ILE A 304 -16.90 23.55 16.32
C ILE A 304 -17.39 22.55 17.36
N CYS A 305 -17.53 22.99 18.61
CA CYS A 305 -17.85 22.07 19.69
C CYS A 305 -19.05 22.55 20.48
N SER A 306 -19.89 21.61 20.90
CA SER A 306 -21.10 21.91 21.64
C SER A 306 -20.82 22.00 23.14
N VAL A 307 -21.75 22.63 23.86
CA VAL A 307 -21.76 22.64 25.32
C VAL A 307 -23.18 22.45 25.81
N HIS A 317 -20.34 18.84 26.06
CA HIS A 317 -19.05 19.48 25.83
C HIS A 317 -18.26 18.66 24.80
N CYS A 318 -18.99 18.34 23.70
CA CYS A 318 -18.69 17.43 22.60
C CYS A 318 -18.39 18.19 21.32
N PRO A 319 -17.59 17.61 20.41
CA PRO A 319 -17.31 18.25 19.12
C PRO A 319 -18.35 17.95 18.05
N LEU A 320 -18.56 18.94 17.17
CA LEU A 320 -19.60 18.90 16.16
C LEU A 320 -19.07 18.71 14.74
N ALA A 321 -18.07 19.48 14.33
CA ALA A 321 -17.52 19.40 12.98
C ALA A 321 -16.11 19.99 12.99
N TRP A 322 -15.24 19.42 12.14
CA TRP A 322 -13.83 19.76 12.15
C TRP A 322 -13.36 20.13 10.76
N GLY A 323 -12.22 20.82 10.72
CA GLY A 323 -11.58 21.17 9.47
C GLY A 323 -10.13 21.58 9.71
N ASN A 324 -9.32 21.44 8.67
CA ASN A 324 -7.91 21.82 8.72
C ASN A 324 -7.60 22.73 7.55
N ILE A 325 -6.71 23.70 7.78
CA ILE A 325 -6.24 24.60 6.73
C ILE A 325 -4.72 24.62 6.75
N ASN A 326 -4.12 24.55 5.57
CA ASN A 326 -2.69 24.81 5.46
C ASN A 326 -2.42 26.29 5.66
N LEU A 327 -1.47 26.62 6.55
CA LEU A 327 -1.11 28.02 6.73
C LEU A 327 -0.41 28.60 5.51
N PHE A 328 0.21 27.78 4.67
CA PHE A 328 0.78 28.22 3.41
C PHE A 328 0.05 27.51 2.28
N ASP A 329 -0.06 28.19 1.14
CA ASP A 329 -0.66 27.56 -0.03
C ASP A 329 0.42 26.77 -0.77
N TYR A 330 0.08 26.25 -1.96
CA TYR A 330 1.04 25.45 -2.70
C TYR A 330 2.14 26.29 -3.34
N THR A 331 2.01 27.62 -3.32
CA THR A 331 3.02 28.53 -3.86
C THR A 331 3.88 29.16 -2.77
N ASP A 332 3.93 28.53 -1.59
CA ASP A 332 4.78 28.96 -0.49
C ASP A 332 4.34 30.31 0.10
N THR A 333 3.06 30.65 -0.02
CA THR A 333 2.56 31.96 0.43
C THR A 333 1.85 31.82 1.77
N LEU A 334 2.24 32.65 2.73
CA LEU A 334 1.49 32.76 3.98
C LEU A 334 0.07 33.23 3.71
N VAL A 335 -0.90 32.38 4.02
CA VAL A 335 -2.29 32.68 3.71
C VAL A 335 -2.72 33.94 4.44
N SER A 336 -3.18 34.93 3.69
CA SER A 336 -3.61 36.21 4.24
C SER A 336 -4.98 36.57 3.66
N GLY A 337 -5.84 37.10 4.51
CA GLY A 337 -7.14 37.59 4.09
C GLY A 337 -8.27 36.71 4.60
N LYS A 338 -9.46 37.01 4.11
CA LYS A 338 -10.66 36.26 4.45
C LYS A 338 -10.72 34.96 3.65
N MET A 339 -11.25 33.91 4.29
CA MET A 339 -11.48 32.65 3.59
C MET A 339 -12.40 31.79 4.46
N ALA A 340 -13.22 30.98 3.79
CA ALA A 340 -14.24 30.18 4.45
C ALA A 340 -13.93 28.69 4.27
N LEU A 341 -14.19 27.92 5.33
CA LEU A 341 -13.89 26.49 5.35
C LEU A 341 -15.16 25.72 5.67
N ASN A 342 -15.56 24.83 4.76
CA ASN A 342 -16.66 23.91 5.03
C ASN A 342 -16.15 22.70 5.81
N LEU A 343 -16.79 22.42 6.93
CA LEU A 343 -16.25 21.47 7.89
C LEU A 343 -16.71 20.04 7.58
N TRP A 344 -16.07 19.10 8.26
CA TRP A 344 -16.28 17.67 8.09
C TRP A 344 -16.98 17.08 9.31
N PRO A 345 -17.79 16.05 9.13
CA PRO A 345 -18.42 15.40 10.28
C PRO A 345 -17.40 14.63 11.09
N VAL A 346 -17.63 14.58 12.40
CA VAL A 346 -16.73 13.91 13.32
C VAL A 346 -16.71 12.42 12.99
N PRO A 347 -15.54 11.85 12.70
CA PRO A 347 -15.47 10.40 12.45
C PRO A 347 -15.75 9.62 13.73
N HIS A 348 -16.63 8.62 13.62
CA HIS A 348 -17.05 7.82 14.76
C HIS A 348 -15.85 7.12 15.40
N GLY A 349 -15.51 7.54 16.63
CA GLY A 349 -14.33 7.03 17.31
C GLY A 349 -13.41 8.15 17.75
N LEU A 350 -13.67 9.36 17.27
CA LEU A 350 -12.88 10.53 17.63
C LEU A 350 -13.38 11.07 18.96
N GLU A 351 -12.67 10.73 20.04
CA GLU A 351 -12.99 11.26 21.36
C GLU A 351 -12.33 12.61 21.63
N ASP A 352 -11.32 12.97 20.85
CA ASP A 352 -10.64 14.24 21.02
C ASP A 352 -11.57 15.39 20.63
N LEU A 353 -11.04 16.61 20.67
CA LEU A 353 -11.80 17.79 20.25
C LEU A 353 -11.34 18.34 18.92
N LEU A 354 -10.07 18.17 18.57
CA LEU A 354 -9.55 18.50 17.25
C LEU A 354 -9.18 17.21 16.51
N ASN A 355 -9.11 17.31 15.18
CA ASN A 355 -8.77 16.19 14.31
C ASN A 355 -7.57 16.56 13.45
N PRO A 356 -6.37 16.61 14.03
CA PRO A 356 -5.20 17.08 13.28
C PRO A 356 -4.70 16.11 12.23
N ILE A 357 -5.16 14.86 12.22
CA ILE A 357 -4.70 13.90 11.23
C ILE A 357 -5.65 13.83 10.03
N GLY A 358 -6.89 14.26 10.18
CA GLY A 358 -7.79 14.34 9.04
C GLY A 358 -7.22 15.22 7.95
N VAL A 359 -7.67 15.02 6.71
CA VAL A 359 -7.08 15.74 5.58
C VAL A 359 -7.46 17.21 5.66
N THR A 360 -6.76 18.04 4.91
CA THR A 360 -6.96 19.49 4.97
C THR A 360 -7.71 19.94 3.72
N GLY A 361 -8.42 21.06 3.83
CA GLY A 361 -9.18 21.58 2.74
C GLY A 361 -10.67 21.65 3.02
N SER A 362 -11.39 22.45 2.24
CA SER A 362 -12.81 22.64 2.48
C SER A 362 -13.61 21.42 2.02
N ASN A 363 -14.67 21.11 2.76
CA ASN A 363 -15.57 20.04 2.39
C ASN A 363 -16.23 20.36 1.05
N PRO A 364 -16.17 19.47 0.05
CA PRO A 364 -16.83 19.75 -1.22
C PRO A 364 -18.34 19.88 -1.10
N ASN A 365 -18.96 19.18 -0.15
CA ASN A 365 -20.38 19.40 0.14
C ASN A 365 -20.52 20.75 0.79
N LYS A 366 -20.87 21.76 -0.01
CA LYS A 366 -20.97 23.12 0.49
C LYS A 366 -22.23 23.35 1.31
N GLU A 367 -23.05 22.32 1.55
CA GLU A 367 -24.23 22.40 2.40
C GLU A 367 -23.95 21.86 3.80
N THR A 368 -22.73 22.05 4.29
CA THR A 368 -22.29 21.59 5.60
C THR A 368 -21.91 22.79 6.45
N PRO A 369 -21.64 22.62 7.74
CA PRO A 369 -21.20 23.78 8.55
C PRO A 369 -20.03 24.51 7.92
N CYS A 370 -20.20 25.82 7.73
CA CYS A 370 -19.22 26.68 7.09
C CYS A 370 -18.75 27.72 8.09
N LEU A 371 -17.44 27.78 8.32
CA LEU A 371 -16.83 28.68 9.29
C LEU A 371 -15.94 29.66 8.54
N GLU A 372 -16.07 30.95 8.87
CA GLU A 372 -15.35 32.00 8.16
C GLU A 372 -14.17 32.47 8.99
N LEU A 373 -13.04 32.70 8.31
CA LEU A 373 -11.79 33.08 8.97
C LEU A 373 -11.19 34.29 8.27
N GLU A 374 -10.23 34.91 8.95
CA GLU A 374 -9.44 35.97 8.33
C GLU A 374 -8.03 35.97 8.92
N PHE A 375 -7.04 36.09 8.04
CA PHE A 375 -5.64 36.10 8.40
C PHE A 375 -5.07 37.49 8.16
N ASP A 376 -3.96 37.80 8.83
CA ASP A 376 -3.34 39.12 8.68
C ASP A 376 -2.68 39.26 7.33
N TRP A 377 -2.74 40.48 6.77
CA TRP A 377 -2.26 40.81 5.43
C TRP A 377 -0.80 41.26 5.40
N PHE A 378 -0.37 42.04 6.38
CA PHE A 378 1.02 42.48 6.52
C PHE A 378 1.50 43.29 5.32
N SER A 379 0.57 43.98 4.65
CA SER A 379 0.89 44.96 3.61
C SER A 379 1.58 44.37 2.38
N SER A 380 1.95 43.10 2.40
CA SER A 380 2.63 42.52 1.25
C SER A 380 2.40 41.02 1.21
N VAL A 381 2.58 40.44 0.02
CA VAL A 381 2.53 38.99 -0.14
C VAL A 381 3.68 38.38 0.63
N VAL A 382 3.36 37.51 1.59
CA VAL A 382 4.34 36.89 2.46
C VAL A 382 4.64 35.50 1.93
N LYS A 383 5.91 35.22 1.65
CA LYS A 383 6.33 33.91 1.19
C LYS A 383 7.42 33.34 2.09
N PHE A 384 7.57 32.03 2.01
CA PHE A 384 8.56 31.28 2.77
C PHE A 384 9.95 31.51 2.17
N PRO A 385 10.97 31.69 3.00
CA PRO A 385 12.29 32.09 2.46
C PRO A 385 12.88 31.05 1.52
N ASP A 386 13.70 31.54 0.58
CA ASP A 386 14.35 30.67 -0.38
C ASP A 386 15.28 29.68 0.32
N MET A 387 15.68 28.65 -0.42
CA MET A 387 16.64 27.70 0.12
C MET A 387 18.00 28.37 0.34
N SER A 388 18.36 29.33 -0.50
CA SER A 388 19.61 30.07 -0.29
C SER A 388 19.55 30.87 0.99
N VAL A 389 18.39 31.45 1.31
CA VAL A 389 18.25 32.19 2.56
C VAL A 389 18.33 31.25 3.75
N ILE A 390 17.75 30.06 3.62
CA ILE A 390 17.82 29.08 4.70
C ILE A 390 19.25 28.57 4.86
N GLU A 391 19.92 28.28 3.75
CA GLU A 391 21.31 27.80 3.82
C GLU A 391 22.23 28.86 4.42
N GLU A 392 21.97 30.13 4.12
CA GLU A 392 22.73 31.21 4.75
C GLU A 392 22.52 31.21 6.27
N HIS A 393 21.27 31.23 6.70
CA HIS A 393 20.97 31.28 8.13
C HIS A 393 21.51 30.06 8.85
N ALA A 394 21.53 28.91 8.19
CA ALA A 394 22.04 27.69 8.82
C ALA A 394 23.56 27.66 8.86
N ASN A 395 24.21 28.07 7.77
CA ASN A 395 25.68 28.17 7.78
C ASN A 395 26.12 29.23 8.77
N TRP A 396 25.37 30.34 8.85
CA TRP A 396 25.61 31.33 9.89
C TRP A 396 25.48 30.72 11.28
N SER A 397 24.50 29.84 11.48
CA SER A 397 24.24 29.30 12.80
C SER A 397 25.33 28.32 13.24
N VAL A 398 25.99 27.65 12.28
CA VAL A 398 27.07 26.71 12.64
C VAL A 398 28.30 27.47 13.09
N SER A 399 28.59 28.63 12.48
CA SER A 399 29.72 29.46 12.93
C SER A 399 29.46 30.07 14.30
N ARG A 400 28.19 30.34 14.63
CA ARG A 400 27.85 30.84 15.97
C ARG A 400 28.14 29.79 17.04
N GLU A 401 28.12 28.51 16.66
CA GLU A 401 28.48 27.43 17.57
C GLU A 401 29.95 27.52 17.98
N ALA A 402 30.85 27.58 16.99
CA ALA A 402 32.29 27.60 17.27
C ALA A 402 32.70 28.87 18.02
N GLY A 403 31.95 29.96 17.85
CA GLY A 403 32.12 31.10 18.72
C GLY A 403 31.90 30.66 20.15
N PHE A 404 30.69 30.20 20.46
CA PHE A 404 30.25 29.94 21.83
C PHE A 404 31.24 29.10 22.65
N SER A 405 32.05 28.26 21.99
CA SER A 405 33.07 27.48 22.69
C SER A 405 32.47 26.52 23.73
N TYR A 406 33.32 26.02 24.63
CA TYR A 406 32.94 24.94 25.55
C TYR A 406 32.23 25.46 26.80
N SER A 407 32.54 26.70 27.21
CA SER A 407 31.86 27.28 28.37
C SER A 407 30.38 27.50 28.12
N HIS A 408 30.02 28.05 26.96
CA HIS A 408 28.63 28.33 26.67
C HIS A 408 27.83 27.05 26.44
N ALA A 409 28.50 25.98 25.98
CA ALA A 409 27.82 24.73 25.69
C ALA A 409 27.18 24.11 26.92
N GLY A 410 27.56 24.55 28.13
CA GLY A 410 26.92 24.04 29.32
C GLY A 410 25.51 24.55 29.51
N LEU A 411 25.23 25.77 29.03
CA LEU A 411 23.93 26.40 29.31
C LEU A 411 22.78 25.63 28.70
N SER A 412 23.01 24.90 27.60
CA SER A 412 21.97 24.16 26.91
C SER A 412 22.44 22.72 26.69
N ASN A 413 21.63 21.76 27.15
CA ASN A 413 21.93 20.35 26.91
C ASN A 413 21.82 19.99 25.44
N ARG A 414 21.07 20.75 24.64
CA ARG A 414 20.94 20.53 23.21
C ARG A 414 22.15 21.02 22.43
N LEU A 415 22.98 21.85 23.03
CA LEU A 415 24.16 22.34 22.34
C LEU A 415 25.41 21.66 22.88
N ALA A 416 25.41 20.32 22.91
CA ALA A 416 26.56 19.55 23.35
C ALA A 416 27.55 19.28 22.23
N ARG A 417 27.52 20.09 21.17
CA ARG A 417 28.42 19.89 20.06
C ARG A 417 29.84 20.28 20.43
N ASP A 418 29.99 21.41 21.11
CA ASP A 418 31.28 21.88 21.56
C ASP A 418 31.87 20.94 22.61
N ASN A 419 31.01 20.27 23.37
CA ASN A 419 31.46 19.31 24.38
C ASN A 419 32.06 18.09 23.69
N GLU A 420 33.06 17.49 24.33
CA GLU A 420 33.72 16.33 23.76
C GLU A 420 32.86 15.09 24.01
N LEU A 421 32.96 14.12 23.10
CA LEU A 421 32.02 13.01 23.06
C LEU A 421 32.76 11.70 23.33
N ARG A 422 32.49 11.11 24.50
CA ARG A 422 33.06 9.81 24.82
C ARG A 422 32.43 8.72 23.95
N GLU A 423 33.07 7.55 23.95
CA GLU A 423 32.54 6.42 23.20
C GLU A 423 31.20 5.94 23.74
N ASN A 424 30.86 6.31 24.98
CA ASN A 424 29.53 6.01 25.51
C ASN A 424 28.45 6.74 24.71
N ASP A 425 28.72 7.98 24.32
CA ASP A 425 27.77 8.75 23.52
C ASP A 425 27.55 8.09 22.16
N LYS A 426 28.65 7.77 21.46
CA LYS A 426 28.54 7.06 20.19
C LYS A 426 27.83 5.73 20.36
N GLU A 427 27.99 5.07 21.50
CA GLU A 427 27.37 3.78 21.73
C GLU A 427 25.88 3.92 22.08
N GLN A 428 25.50 5.03 22.72
CA GLN A 428 24.09 5.27 22.97
C GLN A 428 23.34 5.66 21.70
N LEU A 429 23.96 6.49 20.86
CA LEU A 429 23.34 6.85 19.59
C LEU A 429 23.11 5.60 18.74
N LYS A 430 24.07 4.68 18.70
CA LYS A 430 23.88 3.41 18.02
C LYS A 430 22.69 2.65 18.61
N ALA A 431 22.61 2.61 19.95
CA ALA A 431 21.51 1.90 20.59
C ALA A 431 20.17 2.58 20.32
N ILE A 432 20.16 3.91 20.18
CA ILE A 432 18.94 4.61 19.84
C ILE A 432 18.52 4.30 18.41
N SER A 433 19.48 4.28 17.48
CA SER A 433 19.16 4.05 16.07
C SER A 433 18.61 2.66 15.80
N THR A 434 18.82 1.71 16.72
CA THR A 434 18.39 0.34 16.52
C THR A 434 17.05 0.03 17.17
N ARG A 435 16.32 1.03 17.65
CA ARG A 435 15.02 0.80 18.24
C ARG A 435 13.92 1.04 17.20
N ASP A 436 12.77 0.39 17.41
CA ASP A 436 11.71 0.38 16.41
C ASP A 436 11.13 1.79 16.23
N PRO A 437 10.40 2.03 15.13
CA PRO A 437 9.93 3.39 14.85
C PRO A 437 8.89 3.90 15.85
N LEU A 438 8.51 3.06 16.80
CA LEU A 438 7.48 3.44 17.75
C LEU A 438 7.91 3.35 19.21
N SER A 439 9.18 3.04 19.49
CA SER A 439 9.68 3.18 20.86
C SER A 439 9.70 4.66 21.22
N GLU A 440 9.32 4.96 22.46
CA GLU A 440 9.23 6.34 22.89
C GLU A 440 10.63 6.94 23.01
N ILE A 441 10.81 8.14 22.45
CA ILE A 441 12.07 8.87 22.57
C ILE A 441 11.88 9.94 23.63
N THR A 442 12.62 9.83 24.72
CA THR A 442 12.46 10.78 25.82
C THR A 442 13.04 12.14 25.43
N GLU A 443 12.64 13.16 26.19
CA GLU A 443 13.16 14.51 25.94
C GLU A 443 14.66 14.59 26.21
N GLN A 444 15.17 13.79 27.13
CA GLN A 444 16.61 13.71 27.30
C GLN A 444 17.27 13.18 26.03
N GLU A 445 16.73 12.08 25.49
CA GLU A 445 17.27 11.51 24.26
C GLU A 445 17.12 12.47 23.08
N LYS A 446 16.03 13.23 23.04
CA LYS A 446 15.83 14.19 21.97
C LYS A 446 16.85 15.33 22.05
N ASP A 447 17.10 15.84 23.26
CA ASP A 447 18.17 16.82 23.42
C ASP A 447 19.52 16.19 23.12
N PHE A 448 19.68 14.91 23.48
CA PHE A 448 20.90 14.19 23.18
C PHE A 448 21.08 14.03 21.67
N LEU A 449 19.98 13.85 20.94
CA LEU A 449 20.07 13.65 19.50
C LEU A 449 20.40 14.94 18.75
N TRP A 450 19.69 16.04 19.07
CA TRP A 450 19.97 17.31 18.39
C TRP A 450 21.43 17.71 18.58
N SER A 451 22.00 17.39 19.74
CA SER A 451 23.35 17.84 20.05
C SER A 451 24.38 17.18 19.14
N HIS A 452 24.17 15.92 18.76
CA HIS A 452 25.18 15.18 18.03
C HIS A 452 24.80 14.98 16.56
N ARG A 453 23.97 15.87 16.02
CA ARG A 453 23.45 15.66 14.67
C ARG A 453 24.55 15.66 13.62
N HIS A 454 25.61 16.43 13.82
CA HIS A 454 26.72 16.37 12.87
C HIS A 454 27.41 15.01 12.93
N TYR A 455 27.25 14.27 14.02
CA TYR A 455 27.73 12.89 14.08
C TYR A 455 26.71 11.90 13.54
N CYS A 456 25.41 12.17 13.71
CA CYS A 456 24.39 11.20 13.31
C CYS A 456 24.45 10.91 11.82
N VAL A 457 25.08 11.79 11.03
CA VAL A 457 25.22 11.64 9.59
C VAL A 457 25.98 10.35 9.30
N THR A 458 26.75 9.89 10.29
CA THR A 458 27.53 8.67 10.12
C THR A 458 26.71 7.40 10.34
N ILE A 459 25.55 7.51 10.98
CA ILE A 459 24.64 6.36 11.12
C ILE A 459 23.28 6.78 10.58
N PRO A 460 23.13 6.89 9.26
CA PRO A 460 21.93 7.53 8.69
C PRO A 460 20.62 6.87 9.08
N GLU A 461 20.65 5.62 9.55
CA GLU A 461 19.43 4.95 9.98
C GLU A 461 18.79 5.64 11.17
N ILE A 462 19.49 6.58 11.82
CA ILE A 462 18.93 7.28 12.97
C ILE A 462 18.15 8.53 12.56
N LEU A 463 18.16 8.88 11.28
CA LEU A 463 17.47 10.08 10.82
C LEU A 463 16.03 10.20 11.26
N PRO A 464 15.18 9.15 11.19
CA PRO A 464 13.79 9.32 11.65
C PRO A 464 13.68 9.77 13.09
N LYS A 465 14.42 9.13 14.00
CA LYS A 465 14.40 9.55 15.40
C LYS A 465 15.06 10.91 15.56
N LEU A 466 16.03 11.22 14.71
CA LEU A 466 16.66 12.54 14.74
C LEU A 466 15.65 13.61 14.36
N LEU A 467 14.93 13.40 13.25
CA LEU A 467 13.91 14.34 12.81
C LEU A 467 12.86 14.57 13.89
N LEU A 468 12.54 13.52 14.66
CA LEU A 468 11.55 13.66 15.72
C LEU A 468 12.08 14.41 16.92
N SER A 469 13.37 14.74 16.95
CA SER A 469 13.97 15.49 18.03
C SER A 469 14.02 16.99 17.76
N VAL A 470 13.80 17.41 16.51
CA VAL A 470 13.82 18.84 16.19
C VAL A 470 12.68 19.53 16.93
N LYS A 471 12.92 20.79 17.31
CA LYS A 471 11.83 21.70 17.65
C LYS A 471 11.41 22.37 16.37
N TRP A 472 10.32 21.89 15.77
CA TRP A 472 9.92 22.37 14.46
C TRP A 472 9.34 23.78 14.51
N ASN A 473 9.17 24.36 15.70
CA ASN A 473 8.74 25.73 15.87
C ASN A 473 9.91 26.69 16.07
N SER A 474 11.11 26.29 15.65
CA SER A 474 12.30 27.14 15.71
C SER A 474 12.92 27.17 14.33
N ARG A 475 12.76 28.30 13.63
CA ARG A 475 13.40 28.46 12.33
C ARG A 475 14.91 28.32 12.43
N ASP A 476 15.48 28.59 13.61
CA ASP A 476 16.91 28.42 13.79
C ASP A 476 17.30 26.94 13.71
N GLU A 477 16.54 26.09 14.39
CA GLU A 477 16.83 24.65 14.32
C GLU A 477 16.43 24.07 12.98
N VAL A 478 15.25 24.42 12.48
CA VAL A 478 14.73 23.79 11.26
C VAL A 478 15.61 24.12 10.07
N ALA A 479 15.99 25.39 9.91
CA ALA A 479 16.91 25.75 8.84
C ALA A 479 18.15 24.87 8.88
N GLN A 480 18.49 24.41 10.06
CA GLN A 480 19.75 23.75 10.29
C GLN A 480 19.60 22.26 10.08
N MET A 481 18.40 21.76 10.33
CA MET A 481 18.01 20.41 9.93
C MET A 481 17.92 20.26 8.42
N TYR A 482 17.40 21.29 7.72
CA TYR A 482 17.32 21.23 6.27
C TYR A 482 18.67 20.90 5.65
N CYS A 483 19.71 21.64 6.04
CA CYS A 483 21.04 21.41 5.46
C CYS A 483 21.58 20.03 5.80
N LEU A 484 21.19 19.47 6.95
CA LEU A 484 21.54 18.08 7.24
C LEU A 484 20.83 17.15 6.27
N VAL A 485 19.52 17.32 6.11
CA VAL A 485 18.75 16.51 5.15
C VAL A 485 19.24 16.76 3.72
N LYS A 486 19.74 17.96 3.44
CA LYS A 486 20.19 18.29 2.10
C LYS A 486 21.31 17.37 1.64
N ASP A 487 22.20 16.97 2.55
CA ASP A 487 23.33 16.12 2.22
C ASP A 487 23.28 14.78 2.96
N TRP A 488 22.11 14.38 3.46
CA TRP A 488 22.02 13.17 4.25
C TRP A 488 22.26 11.96 3.35
N PRO A 489 22.96 10.93 3.82
CA PRO A 489 23.19 9.74 3.00
C PRO A 489 21.90 8.96 2.82
N PRO A 490 21.70 8.35 1.64
CA PRO A 490 20.45 7.62 1.40
C PRO A 490 20.31 6.43 2.33
N ILE A 491 19.06 6.11 2.66
CA ILE A 491 18.73 4.99 3.53
C ILE A 491 17.82 4.02 2.76
N LYS A 492 17.66 2.83 3.34
CA LYS A 492 16.92 1.76 2.67
C LYS A 492 15.48 2.20 2.41
N PRO A 493 14.88 1.75 1.29
CA PRO A 493 13.47 2.09 1.03
C PRO A 493 12.56 1.72 2.18
N GLU A 494 12.84 0.60 2.86
CA GLU A 494 11.99 0.18 3.97
C GLU A 494 12.10 1.14 5.15
N GLN A 495 13.22 1.87 5.24
CA GLN A 495 13.40 2.87 6.28
C GLN A 495 12.88 4.23 5.84
N ALA A 496 12.94 4.50 4.54
CA ALA A 496 12.50 5.80 4.04
C ALA A 496 10.98 5.92 4.01
N MET A 497 10.27 4.79 3.86
CA MET A 497 8.81 4.84 3.81
C MET A 497 8.24 5.38 5.11
N GLU A 498 8.90 5.08 6.23
CA GLU A 498 8.51 5.67 7.50
C GLU A 498 8.41 7.19 7.39
N LEU A 499 9.36 7.81 6.71
CA LEU A 499 9.39 9.27 6.58
C LEU A 499 8.26 9.81 5.72
N LEU A 500 7.40 8.96 5.17
CA LEU A 500 6.26 9.41 4.38
C LEU A 500 4.92 9.28 5.08
N ASP A 501 4.91 8.84 6.35
CA ASP A 501 3.65 8.61 7.03
C ASP A 501 3.18 9.90 7.70
N CYS A 502 2.29 9.78 8.68
CA CYS A 502 1.52 10.93 9.16
C CYS A 502 2.29 11.83 10.11
N ASN A 503 3.51 11.45 10.52
CA ASN A 503 4.27 12.25 11.49
C ASN A 503 5.64 12.63 10.93
N TYR A 504 5.69 12.90 9.62
CA TYR A 504 6.82 13.57 8.98
C TYR A 504 6.27 14.48 7.88
N PRO A 505 5.64 15.60 8.26
CA PRO A 505 4.96 16.41 7.25
C PRO A 505 5.86 17.33 6.45
N ASP A 506 7.07 17.61 6.93
CA ASP A 506 7.92 18.60 6.28
C ASP A 506 8.26 18.17 4.85
N PRO A 507 8.17 19.07 3.87
CA PRO A 507 8.44 18.67 2.49
C PRO A 507 9.89 18.29 2.24
N MET A 508 10.85 18.87 2.97
CA MET A 508 12.24 18.46 2.81
C MET A 508 12.48 17.05 3.34
N VAL A 509 11.86 16.70 4.47
CA VAL A 509 11.91 15.33 4.97
C VAL A 509 11.32 14.39 3.93
N ARG A 510 10.14 14.72 3.42
CA ARG A 510 9.47 13.85 2.47
C ARG A 510 10.19 13.83 1.13
N GLY A 511 10.81 14.96 0.75
CA GLY A 511 11.61 14.97 -0.47
C GLY A 511 12.79 14.03 -0.40
N PHE A 512 13.48 14.01 0.75
CA PHE A 512 14.54 13.03 0.95
C PHE A 512 14.01 11.60 0.86
N ALA A 513 12.82 11.36 1.42
CA ALA A 513 12.24 10.02 1.36
C ALA A 513 12.03 9.57 -0.08
N VAL A 514 11.49 10.46 -0.92
CA VAL A 514 11.25 10.10 -2.31
C VAL A 514 12.56 9.89 -3.06
N ARG A 515 13.59 10.68 -2.72
CA ARG A 515 14.93 10.42 -3.28
C ARG A 515 15.36 8.98 -3.03
N CYS A 516 15.12 8.47 -1.83
CA CYS A 516 15.57 7.12 -1.48
C CYS A 516 14.84 6.07 -2.29
N LEU A 517 13.50 6.13 -2.30
CA LEU A 517 12.72 5.21 -3.12
C LEU A 517 13.09 5.31 -4.58
N GLU A 518 13.28 6.53 -5.08
CA GLU A 518 13.62 6.76 -6.48
C GLU A 518 15.03 6.29 -6.81
N LYS A 519 15.81 5.88 -5.82
CA LYS A 519 17.17 5.38 -6.00
C LYS A 519 17.31 3.87 -5.76
N TYR A 520 16.57 3.31 -4.79
CA TYR A 520 16.76 1.92 -4.39
C TYR A 520 15.50 1.06 -4.49
N LEU A 521 14.32 1.65 -4.63
CA LEU A 521 13.07 0.87 -4.64
C LEU A 521 12.90 0.25 -6.02
N THR A 522 12.97 -1.07 -6.09
CA THR A 522 12.79 -1.79 -7.34
C THR A 522 11.30 -1.84 -7.72
N ASP A 523 11.03 -2.08 -9.00
CA ASP A 523 9.65 -2.22 -9.45
C ASP A 523 8.95 -3.36 -8.72
N ASP A 524 9.69 -4.43 -8.42
CA ASP A 524 9.13 -5.52 -7.62
C ASP A 524 8.69 -5.03 -6.25
N LYS A 525 9.56 -4.34 -5.53
CA LYS A 525 9.21 -3.87 -4.20
C LYS A 525 8.18 -2.74 -4.26
N LEU A 526 8.22 -1.91 -5.31
CA LEU A 526 7.19 -0.90 -5.50
C LEU A 526 5.80 -1.53 -5.57
N SER A 527 5.64 -2.54 -6.43
CA SER A 527 4.38 -3.27 -6.49
C SER A 527 4.04 -3.87 -5.14
N GLN A 528 5.03 -4.42 -4.45
CA GLN A 528 4.77 -5.10 -3.18
C GLN A 528 4.21 -4.14 -2.13
N TYR A 529 4.61 -2.87 -2.20
CA TYR A 529 4.26 -1.87 -1.20
C TYR A 529 3.27 -0.84 -1.72
N LEU A 530 2.72 -1.06 -2.92
CA LEU A 530 1.93 -0.03 -3.59
C LEU A 530 0.74 0.42 -2.75
N ILE A 531 0.15 -0.50 -2.00
CA ILE A 531 -1.00 -0.16 -1.15
C ILE A 531 -0.66 1.00 -0.23
N GLN A 532 0.45 0.87 0.51
CA GLN A 532 0.83 1.91 1.46
C GLN A 532 1.28 3.18 0.76
N LEU A 533 1.99 3.05 -0.36
CA LEU A 533 2.45 4.24 -1.06
C LEU A 533 1.29 5.05 -1.61
N VAL A 534 0.22 4.37 -2.05
CA VAL A 534 -0.98 5.09 -2.47
C VAL A 534 -1.63 5.79 -1.28
N GLN A 535 -1.65 5.15 -0.11
CA GLN A 535 -2.32 5.74 1.04
C GLN A 535 -1.60 6.99 1.52
N VAL A 536 -0.28 6.98 1.52
CA VAL A 536 0.46 8.14 2.03
C VAL A 536 0.35 9.35 1.12
N LEU A 537 -0.17 9.19 -0.11
CA LEU A 537 -0.54 10.36 -0.90
C LEU A 537 -1.57 11.21 -0.18
N LYS A 538 -2.39 10.60 0.67
CA LYS A 538 -3.41 11.36 1.41
C LYS A 538 -2.77 12.32 2.40
N TYR A 539 -1.57 11.99 2.90
CA TYR A 539 -0.91 12.86 3.87
C TYR A 539 -0.28 14.07 3.19
N GLU A 540 -0.09 14.04 1.88
CA GLU A 540 0.59 15.12 1.19
C GLU A 540 -0.21 16.41 1.30
N GLN A 541 0.50 17.51 1.45
CA GLN A 541 -0.18 18.75 1.81
C GLN A 541 -0.75 19.43 0.58
N TYR A 542 -0.19 19.14 -0.59
CA TYR A 542 -0.61 19.77 -1.83
C TYR A 542 -0.79 18.73 -2.91
N LEU A 543 -1.50 19.13 -3.97
CA LEU A 543 -1.76 18.23 -5.08
C LEU A 543 -0.47 17.90 -5.82
N ASP A 544 0.34 18.91 -6.13
CA ASP A 544 1.59 18.72 -6.84
C ASP A 544 2.71 18.53 -5.83
N ASN A 545 3.37 17.38 -5.88
CA ASN A 545 4.37 17.05 -4.87
C ASN A 545 5.25 15.92 -5.41
N LEU A 546 6.43 15.77 -4.82
CA LEU A 546 7.41 14.85 -5.40
C LEU A 546 6.97 13.40 -5.30
N LEU A 547 6.23 13.04 -4.25
CA LEU A 547 5.78 11.66 -4.12
C LEU A 547 4.85 11.27 -5.26
N VAL A 548 3.88 12.12 -5.58
CA VAL A 548 2.91 11.78 -6.61
C VAL A 548 3.56 11.77 -7.99
N ARG A 549 4.52 12.67 -8.21
CA ARG A 549 5.27 12.64 -9.47
C ARG A 549 6.09 11.37 -9.60
N PHE A 550 6.63 10.87 -8.49
CA PHE A 550 7.35 9.61 -8.52
C PHE A 550 6.42 8.45 -8.85
N LEU A 551 5.33 8.32 -8.08
CA LEU A 551 4.41 7.20 -8.29
C LEU A 551 3.76 7.25 -9.67
N LEU A 552 3.36 8.45 -10.12
CA LEU A 552 2.74 8.56 -11.43
C LEU A 552 3.71 8.15 -12.54
N LYS A 553 4.97 8.59 -12.46
CA LYS A 553 5.93 8.23 -13.49
C LYS A 553 6.13 6.73 -13.54
N LYS A 554 6.21 6.08 -12.38
CA LYS A 554 6.39 4.63 -12.38
C LYS A 554 5.14 3.92 -12.89
N ALA A 555 3.97 4.47 -12.57
CA ALA A 555 2.73 3.88 -13.08
C ALA A 555 2.66 3.99 -14.59
N LEU A 556 3.19 5.07 -15.15
CA LEU A 556 3.15 5.32 -16.58
C LEU A 556 4.32 4.71 -17.35
N THR A 557 5.30 4.12 -16.65
CA THR A 557 6.36 3.38 -17.31
C THR A 557 6.36 1.90 -16.99
N ASN A 558 5.48 1.44 -16.09
CA ASN A 558 5.36 0.03 -15.74
C ASN A 558 3.88 -0.27 -15.58
N GLN A 559 3.29 -0.92 -16.58
CA GLN A 559 1.85 -1.10 -16.65
C GLN A 559 1.32 -2.15 -15.69
N ARG A 560 2.17 -3.07 -15.20
CA ARG A 560 1.76 -3.90 -14.08
C ARG A 560 1.53 -3.03 -12.84
N ILE A 561 2.37 -2.02 -12.64
CA ILE A 561 2.17 -1.10 -11.54
C ILE A 561 1.01 -0.16 -11.81
N GLY A 562 0.89 0.32 -13.06
CA GLY A 562 -0.21 1.22 -13.39
C GLY A 562 -1.57 0.60 -13.19
N HIS A 563 -1.67 -0.73 -13.41
CA HIS A 563 -2.93 -1.43 -13.20
C HIS A 563 -3.44 -1.25 -11.77
N PHE A 564 -2.61 -1.62 -10.79
CA PHE A 564 -3.05 -1.55 -9.40
C PHE A 564 -3.02 -0.11 -8.88
N PHE A 565 -2.11 0.71 -9.40
CA PHE A 565 -2.19 2.16 -9.16
C PHE A 565 -3.58 2.67 -9.51
N PHE A 566 -4.08 2.31 -10.70
CA PHE A 566 -5.43 2.71 -11.09
C PHE A 566 -6.48 2.22 -10.10
N TRP A 567 -6.50 0.91 -9.85
CA TRP A 567 -7.58 0.34 -9.05
C TRP A 567 -7.52 0.78 -7.59
N HIS A 568 -6.31 0.89 -7.03
CA HIS A 568 -6.23 1.38 -5.65
C HIS A 568 -6.78 2.81 -5.55
N LEU A 569 -6.56 3.63 -6.58
CA LEU A 569 -7.12 4.97 -6.58
C LEU A 569 -8.61 4.94 -6.88
N LYS A 570 -9.02 4.13 -7.86
CA LYS A 570 -10.43 4.10 -8.24
C LYS A 570 -11.30 3.58 -7.09
N SER A 571 -10.79 2.62 -6.33
CA SER A 571 -11.58 1.99 -5.28
C SER A 571 -11.98 2.96 -4.17
N GLU A 572 -11.44 4.18 -4.16
CA GLU A 572 -11.74 5.16 -3.13
C GLU A 572 -12.27 6.47 -3.69
N MET A 573 -12.73 6.50 -4.94
CA MET A 573 -13.34 7.72 -5.47
C MET A 573 -14.67 8.04 -4.81
N HIS A 574 -15.27 7.07 -4.10
CA HIS A 574 -16.49 7.32 -3.35
C HIS A 574 -16.21 8.13 -2.09
N ASN A 575 -14.96 8.20 -1.64
CA ASN A 575 -14.58 8.88 -0.42
C ASN A 575 -14.33 10.36 -0.73
N LYS A 576 -15.21 11.23 -0.23
CA LYS A 576 -15.17 12.64 -0.62
C LYS A 576 -13.96 13.38 -0.06
N THR A 577 -13.25 12.80 0.92
CA THR A 577 -12.07 13.49 1.44
C THR A 577 -10.90 13.42 0.47
N VAL A 578 -10.90 12.46 -0.46
CA VAL A 578 -9.80 12.29 -1.40
C VAL A 578 -10.27 12.13 -2.84
N SER A 579 -11.59 12.20 -3.11
CA SER A 579 -12.08 11.94 -4.45
C SER A 579 -11.52 12.94 -5.45
N GLN A 580 -11.46 14.22 -5.08
CA GLN A 580 -10.86 15.22 -5.95
C GLN A 580 -9.37 14.99 -6.14
N ARG A 581 -8.65 14.68 -5.07
CA ARG A 581 -7.22 14.36 -5.20
C ARG A 581 -7.02 13.19 -6.13
N PHE A 582 -7.65 12.04 -5.82
CA PHE A 582 -7.46 10.87 -6.66
C PHE A 582 -8.07 11.05 -8.04
N GLY A 583 -9.14 11.84 -8.15
CA GLY A 583 -9.74 12.07 -9.45
C GLY A 583 -8.82 12.80 -10.40
N LEU A 584 -8.18 13.86 -9.92
CA LEU A 584 -7.22 14.58 -10.76
C LEU A 584 -6.04 13.69 -11.13
N LEU A 585 -5.53 12.93 -10.15
CA LEU A 585 -4.42 12.03 -10.43
C LEU A 585 -4.81 10.94 -11.41
N LEU A 586 -6.04 10.45 -11.34
CA LEU A 586 -6.50 9.46 -12.31
C LEU A 586 -6.61 10.08 -13.70
N GLU A 587 -7.08 11.33 -13.79
CA GLU A 587 -7.17 12.01 -15.08
C GLU A 587 -5.83 11.98 -15.81
N SER A 588 -4.77 12.44 -15.14
CA SER A 588 -3.46 12.50 -15.77
C SER A 588 -2.95 11.12 -16.14
N TYR A 589 -3.27 10.10 -15.33
CA TYR A 589 -2.87 8.74 -15.67
C TYR A 589 -3.56 8.27 -16.95
N CYS A 590 -4.88 8.48 -17.03
CA CYS A 590 -5.64 7.94 -18.14
C CYS A 590 -5.28 8.59 -19.47
N ARG A 591 -4.63 9.75 -19.45
CA ARG A 591 -4.25 10.38 -20.71
C ARG A 591 -2.95 9.83 -21.28
N ALA A 592 -2.11 9.22 -20.45
CA ALA A 592 -0.77 8.82 -20.86
C ALA A 592 -0.50 7.33 -20.71
N CYS A 593 -1.45 6.55 -20.20
CA CYS A 593 -1.23 5.11 -20.10
C CYS A 593 -1.35 4.41 -21.44
N GLY A 594 -1.95 5.06 -22.43
CA GLY A 594 -2.01 4.51 -23.77
C GLY A 594 -3.24 3.69 -24.05
N MET A 595 -3.07 2.61 -24.82
CA MET A 595 -4.20 1.76 -25.18
C MET A 595 -4.82 1.04 -23.99
N TYR A 596 -4.10 0.94 -22.88
CA TYR A 596 -4.64 0.18 -21.76
C TYR A 596 -5.83 0.88 -21.12
N LEU A 597 -6.03 2.18 -21.38
CA LEU A 597 -7.24 2.85 -20.97
C LEU A 597 -8.48 2.13 -21.50
N LYS A 598 -8.41 1.65 -22.73
CA LYS A 598 -9.53 0.93 -23.32
C LYS A 598 -9.76 -0.39 -22.60
N HIS A 599 -8.68 -1.08 -22.22
CA HIS A 599 -8.84 -2.31 -21.47
C HIS A 599 -9.30 -2.05 -20.04
N LEU A 600 -8.98 -0.88 -19.47
CA LEU A 600 -9.45 -0.56 -18.13
C LEU A 600 -10.94 -0.26 -18.11
N ASN A 601 -11.42 0.58 -19.04
CA ASN A 601 -12.86 0.78 -19.18
C ASN A 601 -13.58 -0.54 -19.37
N ARG A 602 -12.95 -1.46 -20.09
CA ARG A 602 -13.51 -2.78 -20.27
C ARG A 602 -13.68 -3.50 -18.92
N GLN A 603 -12.73 -3.30 -18.01
CA GLN A 603 -12.85 -3.90 -16.68
C GLN A 603 -13.85 -3.13 -15.83
N VAL A 604 -13.93 -1.81 -16.01
CA VAL A 604 -14.79 -0.98 -15.17
C VAL A 604 -16.25 -1.31 -15.42
N GLU A 605 -16.65 -1.42 -16.68
CA GLU A 605 -18.04 -1.75 -16.97
C GLU A 605 -18.37 -3.19 -16.53
N ALA A 606 -17.41 -4.11 -16.60
CA ALA A 606 -17.63 -5.44 -16.04
C ALA A 606 -17.98 -5.33 -14.56
N MET A 607 -17.12 -4.66 -13.80
CA MET A 607 -17.36 -4.51 -12.37
C MET A 607 -18.66 -3.75 -12.12
N GLU A 608 -18.96 -2.76 -12.97
CA GLU A 608 -20.13 -1.92 -12.72
C GLU A 608 -21.41 -2.72 -12.92
N LYS A 609 -21.43 -3.62 -13.89
CA LYS A 609 -22.60 -4.49 -14.07
C LYS A 609 -22.75 -5.45 -12.90
N LEU A 610 -21.63 -5.98 -12.39
CA LEU A 610 -21.69 -6.86 -11.22
C LEU A 610 -22.21 -6.12 -10.00
N ILE A 611 -21.85 -4.85 -9.84
CA ILE A 611 -22.36 -4.07 -8.72
C ILE A 611 -23.86 -3.83 -8.87
N ASN A 612 -24.29 -3.40 -10.06
CA ASN A 612 -25.70 -3.16 -10.31
C ASN A 612 -26.51 -4.43 -10.13
N LEU A 613 -26.03 -5.54 -10.68
CA LEU A 613 -26.76 -6.80 -10.57
C LEU A 613 -26.84 -7.26 -9.12
N THR A 614 -25.74 -7.17 -8.37
CA THR A 614 -25.77 -7.58 -6.97
C THR A 614 -26.55 -6.60 -6.11
N ASP A 615 -26.63 -5.33 -6.52
CA ASP A 615 -27.49 -4.41 -5.79
C ASP A 615 -28.95 -4.77 -5.95
N ILE A 616 -29.35 -5.24 -7.13
CA ILE A 616 -30.74 -5.61 -7.36
C ILE A 616 -31.10 -6.88 -6.61
N LEU A 617 -30.14 -7.79 -6.46
CA LEU A 617 -30.38 -8.99 -5.66
C LEU A 617 -30.57 -8.63 -4.19
N LYS A 618 -29.69 -7.81 -3.63
CA LYS A 618 -29.82 -7.40 -2.24
C LYS A 618 -31.06 -6.55 -2.00
N GLN A 619 -31.66 -6.02 -3.08
CA GLN A 619 -32.86 -5.20 -3.00
C GLN A 619 -34.13 -6.02 -3.14
N GLU A 620 -34.27 -6.74 -4.25
CA GLU A 620 -35.56 -7.31 -4.65
C GLU A 620 -35.69 -8.79 -4.34
N LYS A 621 -34.59 -9.52 -4.17
CA LYS A 621 -34.66 -10.95 -3.92
C LYS A 621 -33.89 -11.34 -2.67
N LYS A 622 -33.65 -10.40 -1.77
CA LYS A 622 -32.76 -10.68 -0.63
C LYS A 622 -33.35 -11.73 0.29
N ASP A 623 -34.67 -11.84 0.33
CA ASP A 623 -35.36 -12.76 1.24
C ASP A 623 -35.84 -14.03 0.53
N GLU A 624 -35.58 -14.17 -0.76
CA GLU A 624 -36.02 -15.33 -1.51
C GLU A 624 -35.05 -16.50 -1.33
N THR A 625 -35.51 -17.69 -1.69
CA THR A 625 -34.64 -18.85 -1.72
C THR A 625 -33.51 -18.62 -2.72
N GLN A 626 -32.41 -19.34 -2.52
CA GLN A 626 -31.29 -19.23 -3.46
C GLN A 626 -31.71 -19.69 -4.85
N LYS A 627 -32.67 -20.62 -4.95
CA LYS A 627 -33.11 -21.03 -6.28
C LYS A 627 -33.85 -19.91 -6.99
N VAL A 628 -34.75 -19.21 -6.29
CA VAL A 628 -35.42 -18.07 -6.90
C VAL A 628 -34.40 -17.00 -7.28
N GLN A 629 -33.39 -16.80 -6.44
CA GLN A 629 -32.35 -15.83 -6.77
C GLN A 629 -31.54 -16.25 -7.99
N MET A 630 -31.28 -17.55 -8.14
CA MET A 630 -30.51 -18.03 -9.29
C MET A 630 -31.28 -17.90 -10.58
N LYS A 631 -32.59 -18.17 -10.56
CA LYS A 631 -33.41 -17.96 -11.74
C LYS A 631 -33.32 -16.50 -12.18
N PHE A 632 -33.44 -15.56 -11.23
CA PHE A 632 -33.33 -14.14 -11.55
C PHE A 632 -31.92 -13.79 -12.01
N LEU A 633 -30.91 -14.43 -11.43
CA LEU A 633 -29.53 -14.15 -11.82
C LEU A 633 -29.27 -14.53 -13.28
N VAL A 634 -29.62 -15.76 -13.64
CA VAL A 634 -29.44 -16.22 -15.02
C VAL A 634 -30.29 -15.39 -15.98
N GLU A 635 -31.45 -14.90 -15.52
CA GLU A 635 -32.26 -14.03 -16.37
C GLU A 635 -31.54 -12.72 -16.66
N GLN A 636 -31.03 -12.06 -15.62
CA GLN A 636 -30.32 -10.80 -15.82
C GLN A 636 -29.05 -10.99 -16.62
N MET A 637 -28.35 -12.10 -16.42
CA MET A 637 -27.05 -12.27 -17.05
C MET A 637 -27.15 -12.58 -18.54
N ARG A 638 -28.31 -13.00 -19.01
CA ARG A 638 -28.46 -13.35 -20.42
C ARG A 638 -28.99 -12.18 -21.25
N ARG A 639 -29.19 -11.01 -20.66
CA ARG A 639 -29.49 -9.84 -21.47
C ARG A 639 -28.24 -9.42 -22.23
N PRO A 640 -28.39 -8.98 -23.49
CA PRO A 640 -27.20 -8.84 -24.35
C PRO A 640 -26.18 -7.83 -23.87
N ASP A 641 -26.63 -6.68 -23.33
CA ASP A 641 -25.67 -5.67 -22.88
C ASP A 641 -24.82 -6.18 -21.73
N PHE A 642 -25.42 -6.95 -20.82
CA PHE A 642 -24.67 -7.53 -19.73
C PHE A 642 -23.75 -8.64 -20.21
N MET A 643 -24.20 -9.41 -21.20
CA MET A 643 -23.57 -10.69 -21.51
C MET A 643 -22.19 -10.53 -22.11
N ASP A 644 -21.86 -9.37 -22.68
CA ASP A 644 -20.49 -9.12 -23.11
C ASP A 644 -19.75 -8.13 -22.23
N ALA A 645 -20.46 -7.28 -21.48
CA ALA A 645 -19.77 -6.47 -20.48
C ALA A 645 -18.93 -7.34 -19.56
N LEU A 646 -19.27 -8.62 -19.42
CA LEU A 646 -18.63 -9.52 -18.48
C LEU A 646 -17.90 -10.68 -19.12
N GLN A 647 -17.53 -10.58 -20.39
CA GLN A 647 -16.67 -11.59 -20.96
C GLN A 647 -15.81 -10.97 -22.05
N GLY A 648 -14.55 -11.39 -22.11
CA GLY A 648 -13.59 -10.80 -23.01
C GLY A 648 -12.91 -9.58 -22.42
N PHE A 649 -12.47 -9.68 -21.17
CA PHE A 649 -11.72 -8.61 -20.52
C PHE A 649 -10.65 -9.22 -19.62
N LEU A 650 -9.79 -8.37 -19.09
CA LEU A 650 -8.68 -8.82 -18.25
C LEU A 650 -9.09 -8.81 -16.78
N SER A 651 -8.57 -9.79 -16.05
CA SER A 651 -8.89 -9.93 -14.63
C SER A 651 -8.28 -8.80 -13.82
N PRO A 652 -9.08 -8.01 -13.08
CA PRO A 652 -8.49 -6.97 -12.22
C PRO A 652 -7.65 -7.53 -11.08
N LEU A 653 -7.86 -8.79 -10.70
CA LEU A 653 -6.98 -9.42 -9.71
C LEU A 653 -5.57 -9.59 -10.26
N ASN A 654 -5.44 -9.86 -11.54
CA ASN A 654 -4.18 -10.11 -12.22
C ASN A 654 -4.39 -9.90 -13.71
N PRO A 655 -3.97 -8.77 -14.26
CA PRO A 655 -4.27 -8.47 -15.67
C PRO A 655 -3.55 -9.37 -16.67
N ALA A 656 -2.61 -10.20 -16.23
CA ALA A 656 -2.06 -11.22 -17.12
C ALA A 656 -3.08 -12.30 -17.43
N HIS A 657 -4.11 -12.44 -16.59
CA HIS A 657 -5.15 -13.44 -16.77
C HIS A 657 -6.26 -12.88 -17.63
N GLN A 658 -6.54 -13.54 -18.75
CA GLN A 658 -7.62 -13.13 -19.64
C GLN A 658 -8.90 -13.85 -19.24
N LEU A 659 -9.99 -13.10 -19.15
CA LEU A 659 -11.29 -13.65 -18.82
C LEU A 659 -12.09 -13.74 -20.11
N GLY A 660 -12.18 -14.95 -20.65
CA GLY A 660 -12.90 -15.16 -21.89
C GLY A 660 -14.38 -15.36 -21.67
N ASN A 661 -14.95 -16.39 -22.27
CA ASN A 661 -16.38 -16.63 -22.16
C ASN A 661 -16.76 -17.06 -20.74
N LEU A 662 -17.98 -16.72 -20.36
CA LEU A 662 -18.49 -16.92 -19.01
C LEU A 662 -19.30 -18.21 -18.97
N ARG A 663 -18.90 -19.15 -18.11
CA ARG A 663 -19.60 -20.42 -17.96
C ARG A 663 -20.73 -20.23 -16.95
N LEU A 664 -21.90 -19.80 -17.43
CA LEU A 664 -23.01 -19.57 -16.52
C LEU A 664 -23.43 -20.84 -15.78
N GLU A 665 -23.18 -22.02 -16.38
CA GLU A 665 -23.52 -23.26 -15.69
C GLU A 665 -22.70 -23.42 -14.41
N GLU A 666 -21.50 -22.83 -14.37
CA GLU A 666 -20.63 -22.92 -13.21
C GLU A 666 -20.76 -21.72 -12.28
N CYS A 667 -21.56 -20.73 -12.64
CA CYS A 667 -21.73 -19.52 -11.84
C CYS A 667 -22.86 -19.72 -10.86
N ARG A 668 -22.62 -19.42 -9.59
CA ARG A 668 -23.66 -19.59 -8.57
C ARG A 668 -23.58 -18.46 -7.55
N ILE A 669 -24.71 -18.23 -6.90
CA ILE A 669 -24.74 -17.42 -5.68
C ILE A 669 -24.26 -18.28 -4.52
N MET A 670 -23.36 -17.74 -3.71
CA MET A 670 -22.71 -18.57 -2.70
C MET A 670 -23.53 -18.64 -1.42
N SER A 671 -23.24 -19.69 -0.63
CA SER A 671 -23.97 -19.95 0.59
C SER A 671 -23.78 -18.87 1.63
N SER A 672 -22.68 -18.11 1.54
CA SER A 672 -22.37 -17.08 2.53
C SER A 672 -23.43 -15.98 2.53
N ALA A 673 -23.33 -15.08 3.50
CA ALA A 673 -24.17 -13.91 3.55
C ALA A 673 -23.69 -12.87 2.54
N LYS A 674 -24.50 -11.82 2.36
CA LYS A 674 -24.23 -10.75 1.40
C LYS A 674 -24.20 -11.25 -0.03
N ARG A 675 -24.48 -12.54 -0.24
CA ARG A 675 -24.66 -13.12 -1.56
C ARG A 675 -23.41 -12.95 -2.43
N PRO A 676 -22.32 -13.64 -2.12
CA PRO A 676 -21.15 -13.60 -3.00
C PRO A 676 -21.45 -14.33 -4.30
N LEU A 677 -20.88 -13.83 -5.40
CA LEU A 677 -21.02 -14.46 -6.70
C LEU A 677 -19.80 -15.30 -7.01
N TRP A 678 -20.00 -16.60 -7.19
CA TRP A 678 -18.98 -17.50 -7.72
C TRP A 678 -19.00 -17.37 -9.23
N LEU A 679 -17.98 -16.73 -9.80
CA LEU A 679 -17.95 -16.54 -11.25
C LEU A 679 -16.85 -17.42 -11.86
N ASN A 680 -17.12 -17.87 -13.08
CA ASN A 680 -16.24 -18.80 -13.78
C ASN A 680 -16.16 -18.42 -15.25
N TRP A 681 -14.94 -18.08 -15.70
CA TRP A 681 -14.66 -17.73 -17.08
C TRP A 681 -13.76 -18.77 -17.72
N GLU A 682 -13.90 -18.94 -19.03
CA GLU A 682 -12.93 -19.74 -19.78
C GLU A 682 -11.62 -18.96 -19.91
N ASN A 683 -10.51 -19.68 -19.80
CA ASN A 683 -9.21 -19.12 -20.13
C ASN A 683 -9.02 -19.22 -21.63
N PRO A 684 -9.09 -18.11 -22.38
CA PRO A 684 -9.01 -18.19 -23.84
C PRO A 684 -7.60 -18.45 -24.35
N ASP A 685 -6.61 -18.58 -23.47
CA ASP A 685 -5.25 -18.76 -23.92
C ASP A 685 -5.08 -20.13 -24.58
N ILE A 686 -4.15 -20.19 -25.54
CA ILE A 686 -3.96 -21.40 -26.33
C ILE A 686 -3.47 -22.54 -25.46
N MET A 687 -2.72 -22.22 -24.40
CA MET A 687 -2.14 -23.23 -23.52
C MET A 687 -2.85 -23.28 -22.17
N SER A 688 -4.14 -22.92 -22.15
CA SER A 688 -4.87 -22.83 -20.88
C SER A 688 -4.82 -24.14 -20.11
N GLU A 689 -4.69 -25.27 -20.80
CA GLU A 689 -4.65 -26.57 -20.14
C GLU A 689 -3.40 -26.79 -19.32
N LEU A 690 -2.29 -26.10 -19.63
CA LEU A 690 -1.07 -26.26 -18.85
C LEU A 690 -1.00 -25.35 -17.63
N LEU A 691 -1.84 -24.33 -17.55
CA LEU A 691 -1.85 -23.47 -16.37
C LEU A 691 -3.13 -23.64 -15.58
N PHE A 692 -4.29 -23.33 -16.17
CA PHE A 692 -5.57 -23.44 -15.46
C PHE A 692 -6.66 -23.24 -16.51
N GLN A 693 -7.62 -24.17 -16.58
CA GLN A 693 -8.54 -24.13 -17.71
C GLN A 693 -9.72 -23.21 -17.46
N ASN A 694 -10.06 -22.98 -16.19
CA ASN A 694 -11.10 -22.04 -15.81
C ASN A 694 -10.56 -21.10 -14.75
N ASN A 695 -10.96 -19.83 -14.84
CA ASN A 695 -10.54 -18.80 -13.91
C ASN A 695 -11.73 -18.48 -13.00
N GLU A 696 -11.62 -18.86 -11.73
CA GLU A 696 -12.71 -18.77 -10.76
C GLU A 696 -12.44 -17.62 -9.82
N ILE A 697 -13.38 -16.66 -9.78
CA ILE A 697 -13.26 -15.47 -8.94
C ILE A 697 -14.56 -15.30 -8.19
N ILE A 698 -14.47 -14.86 -6.94
CA ILE A 698 -15.65 -14.49 -6.15
C ILE A 698 -15.81 -12.98 -6.20
N PHE A 699 -17.00 -12.52 -6.56
CA PHE A 699 -17.38 -11.12 -6.46
C PHE A 699 -18.20 -10.93 -5.19
N LYS A 700 -17.75 -10.04 -4.31
CA LYS A 700 -18.44 -9.81 -3.05
C LYS A 700 -18.84 -8.35 -2.94
N ASN A 701 -20.14 -8.10 -2.77
CA ASN A 701 -20.70 -6.78 -2.58
C ASN A 701 -21.27 -6.71 -1.16
N GLY A 702 -20.71 -5.84 -0.33
CA GLY A 702 -21.26 -5.65 1.00
C GLY A 702 -20.27 -5.63 2.15
N ASP A 703 -19.08 -6.20 1.94
CA ASP A 703 -18.07 -6.29 2.98
C ASP A 703 -16.85 -5.45 2.60
N ASP A 704 -16.35 -4.68 3.57
CA ASP A 704 -15.13 -3.89 3.39
C ASP A 704 -13.93 -4.85 3.28
N LEU A 705 -13.38 -4.97 2.08
CA LEU A 705 -12.30 -5.92 1.82
C LEU A 705 -10.90 -5.32 2.01
N ARG A 706 -10.81 -4.08 2.47
CA ARG A 706 -9.49 -3.47 2.66
C ARG A 706 -8.66 -4.24 3.68
N GLN A 707 -9.33 -4.84 4.67
CA GLN A 707 -8.61 -5.56 5.72
C GLN A 707 -8.08 -6.89 5.21
N ASP A 708 -8.87 -7.62 4.42
CA ASP A 708 -8.35 -8.84 3.80
C ASP A 708 -7.20 -8.51 2.87
N MET A 709 -7.34 -7.46 2.07
CA MET A 709 -6.30 -7.08 1.12
C MET A 709 -4.99 -6.74 1.83
N LEU A 710 -5.08 -6.07 2.98
CA LEU A 710 -3.88 -5.71 3.73
C LEU A 710 -3.26 -6.92 4.43
N THR A 711 -4.09 -7.74 5.06
CA THR A 711 -3.54 -8.89 5.80
C THR A 711 -2.85 -9.85 4.86
N LEU A 712 -3.42 -10.06 3.67
CA LEU A 712 -2.79 -10.94 2.69
C LEU A 712 -1.50 -10.35 2.14
N GLN A 713 -1.41 -9.03 2.06
CA GLN A 713 -0.14 -8.38 1.73
C GLN A 713 0.93 -8.74 2.75
N ILE A 714 0.59 -8.59 4.03
CA ILE A 714 1.55 -8.87 5.10
C ILE A 714 1.99 -10.32 5.06
N ILE A 715 1.04 -11.23 4.82
CA ILE A 715 1.37 -12.65 4.69
C ILE A 715 2.34 -12.87 3.53
N ARG A 716 2.07 -12.22 2.39
CA ARG A 716 2.93 -12.38 1.23
C ARG A 716 4.35 -11.90 1.53
N ILE A 717 4.47 -10.78 2.24
CA ILE A 717 5.79 -10.26 2.58
C ILE A 717 6.50 -11.17 3.56
N MET A 718 5.75 -11.68 4.57
CA MET A 718 6.33 -12.63 5.50
C MET A 718 6.83 -13.88 4.80
N GLU A 719 6.07 -14.40 3.83
CA GLU A 719 6.53 -15.54 3.06
C GLU A 719 7.80 -15.20 2.29
N ASN A 720 7.86 -13.99 1.73
CA ASN A 720 9.04 -13.59 0.98
C ASN A 720 10.27 -13.54 1.88
N ILE A 721 10.11 -13.03 3.10
CA ILE A 721 11.22 -12.97 4.05
C ILE A 721 11.69 -14.37 4.41
N TRP A 722 10.75 -15.28 4.68
CA TRP A 722 11.08 -16.63 5.09
C TRP A 722 11.76 -17.39 3.96
N GLN A 723 11.32 -17.20 2.72
CA GLN A 723 11.94 -17.88 1.59
C GLN A 723 13.35 -17.38 1.33
N ASN A 724 13.61 -16.08 1.56
CA ASN A 724 14.96 -15.56 1.33
C ASN A 724 15.95 -16.08 2.37
N GLN A 725 15.49 -16.37 3.59
CA GLN A 725 16.36 -16.90 4.63
C GLN A 725 16.46 -18.42 4.60
N GLY A 726 16.05 -19.05 3.51
CA GLY A 726 16.14 -20.48 3.39
C GLY A 726 15.13 -21.27 4.18
N LEU A 727 14.10 -20.63 4.72
CA LEU A 727 13.08 -21.30 5.52
C LEU A 727 11.82 -21.47 4.67
N ASP A 728 11.67 -22.67 4.09
CA ASP A 728 10.58 -22.95 3.14
C ASP A 728 9.30 -23.20 3.92
N LEU A 729 8.61 -22.11 4.26
CA LEU A 729 7.28 -22.19 4.85
C LEU A 729 6.30 -21.65 3.82
N ARG A 730 5.51 -22.55 3.24
CA ARG A 730 4.67 -22.21 2.09
C ARG A 730 3.38 -21.59 2.59
N MET A 731 3.22 -20.30 2.36
CA MET A 731 1.98 -19.59 2.64
C MET A 731 1.15 -19.52 1.35
N LEU A 732 -0.09 -19.07 1.49
CA LEU A 732 -0.96 -18.83 0.33
C LEU A 732 -1.56 -17.43 0.43
N PRO A 733 -0.79 -16.41 0.05
CA PRO A 733 -1.34 -15.05 -0.11
C PRO A 733 -2.17 -15.00 -1.38
N TYR A 734 -3.47 -14.88 -1.22
CA TYR A 734 -4.44 -15.30 -2.22
C TYR A 734 -5.17 -14.05 -2.69
N GLY A 735 -5.45 -13.97 -3.98
CA GLY A 735 -5.87 -12.71 -4.56
C GLY A 735 -7.06 -12.04 -3.89
N CYS A 736 -6.90 -10.76 -3.52
CA CYS A 736 -8.00 -10.02 -2.93
C CYS A 736 -7.82 -8.54 -3.24
N LEU A 737 -8.77 -7.98 -3.95
CA LEU A 737 -8.70 -6.59 -4.42
C LEU A 737 -9.98 -5.87 -4.06
N SER A 738 -9.86 -4.82 -3.25
CA SER A 738 -10.95 -3.86 -3.10
C SER A 738 -11.06 -3.02 -4.36
N ILE A 739 -12.25 -3.00 -4.97
CA ILE A 739 -12.50 -2.16 -6.14
C ILE A 739 -13.42 -0.99 -5.83
N GLY A 740 -13.96 -0.91 -4.62
CA GLY A 740 -14.80 0.21 -4.27
C GLY A 740 -15.31 0.10 -2.86
N ASP A 741 -16.36 0.86 -2.57
CA ASP A 741 -16.98 0.90 -1.25
C ASP A 741 -17.64 -0.46 -0.97
N CYS A 742 -16.94 -1.29 -0.20
CA CYS A 742 -17.43 -2.60 0.24
C CYS A 742 -17.74 -3.50 -0.95
N VAL A 743 -16.88 -3.46 -1.96
CA VAL A 743 -17.01 -4.25 -3.18
C VAL A 743 -15.61 -4.69 -3.56
N GLY A 744 -15.49 -5.91 -4.08
CA GLY A 744 -14.18 -6.36 -4.51
C GLY A 744 -14.20 -7.80 -4.98
N LEU A 745 -13.01 -8.26 -5.35
CA LEU A 745 -12.81 -9.56 -5.97
C LEU A 745 -11.91 -10.42 -5.09
N ILE A 746 -12.18 -11.72 -5.07
CA ILE A 746 -11.45 -12.67 -4.23
C ILE A 746 -11.08 -13.88 -5.06
N GLU A 747 -9.80 -14.24 -5.04
CA GLU A 747 -9.32 -15.42 -5.77
C GLU A 747 -9.84 -16.70 -5.14
N VAL A 748 -10.25 -17.62 -5.99
CA VAL A 748 -10.64 -18.96 -5.57
C VAL A 748 -9.42 -19.86 -5.63
N VAL A 749 -9.12 -20.53 -4.53
CA VAL A 749 -8.09 -21.56 -4.53
C VAL A 749 -8.77 -22.91 -4.70
N ARG A 750 -8.33 -23.65 -5.72
CA ARG A 750 -9.02 -24.88 -6.09
C ARG A 750 -8.55 -26.03 -5.20
N ASN A 751 -9.41 -27.05 -5.08
CA ASN A 751 -9.07 -28.29 -4.39
C ASN A 751 -8.82 -28.07 -2.90
N SER A 752 -9.62 -27.20 -2.28
CA SER A 752 -9.48 -26.92 -0.86
C SER A 752 -10.82 -27.08 -0.17
N HIS A 753 -10.75 -27.36 1.13
CA HIS A 753 -11.94 -27.56 1.94
C HIS A 753 -11.65 -27.08 3.36
N THR A 754 -12.69 -26.54 4.00
CA THR A 754 -12.52 -26.09 5.37
C THR A 754 -12.45 -27.28 6.32
N ILE A 755 -11.78 -27.07 7.44
CA ILE A 755 -11.59 -28.15 8.42
C ILE A 755 -12.92 -28.64 8.93
N MET A 756 -13.89 -27.74 9.09
CA MET A 756 -15.21 -28.14 9.55
C MET A 756 -15.84 -29.14 8.58
N GLN A 757 -15.71 -28.90 7.28
CA GLN A 757 -16.27 -29.83 6.29
C GLN A 757 -15.50 -31.14 6.28
N ILE A 758 -14.18 -31.08 6.45
CA ILE A 758 -13.38 -32.30 6.49
C ILE A 758 -13.78 -33.17 7.68
N GLN A 759 -14.15 -32.56 8.79
CA GLN A 759 -14.63 -33.31 9.95
C GLN A 759 -16.01 -33.93 9.69
N CYS A 760 -16.75 -33.43 8.71
CA CYS A 760 -18.09 -33.93 8.43
C CYS A 760 -18.03 -35.30 7.74
N ASN A 771 -13.44 -37.62 16.61
CA ASN A 771 -12.03 -38.01 16.60
C ASN A 771 -11.10 -36.87 16.21
N SER A 772 -10.04 -36.69 17.00
CA SER A 772 -8.97 -35.76 16.65
C SER A 772 -8.07 -36.30 15.55
N HIS A 773 -8.19 -37.59 15.22
CA HIS A 773 -7.48 -38.20 14.11
C HIS A 773 -8.22 -38.04 12.79
N THR A 774 -9.33 -37.32 12.77
CA THR A 774 -10.16 -37.23 11.57
C THR A 774 -9.44 -36.49 10.45
N LEU A 775 -8.80 -35.36 10.75
CA LEU A 775 -8.08 -34.61 9.74
C LEU A 775 -6.96 -35.44 9.12
N HIS A 776 -6.16 -36.09 9.96
CA HIS A 776 -5.04 -36.87 9.45
C HIS A 776 -5.50 -37.99 8.55
N GLN A 777 -6.61 -38.65 8.90
CA GLN A 777 -7.14 -39.73 8.07
C GLN A 777 -7.58 -39.21 6.70
N TRP A 778 -8.15 -38.00 6.67
CA TRP A 778 -8.48 -37.38 5.39
C TRP A 778 -7.22 -37.17 4.56
N LEU A 779 -6.14 -36.74 5.20
CA LEU A 779 -4.90 -36.47 4.48
C LEU A 779 -4.25 -37.76 4.01
N LYS A 780 -4.20 -38.78 4.86
CA LYS A 780 -3.74 -40.10 4.43
C LYS A 780 -4.56 -40.60 3.24
N ASP A 781 -5.88 -40.47 3.33
CA ASP A 781 -6.77 -40.87 2.24
C ASP A 781 -6.40 -40.16 0.95
N LYS A 782 -6.36 -38.83 0.99
CA LYS A 782 -6.08 -38.05 -0.22
C LYS A 782 -4.66 -38.24 -0.73
N ASN A 783 -3.77 -38.80 0.10
CA ASN A 783 -2.34 -38.83 -0.21
C ASN A 783 -1.80 -40.21 0.18
N LYS A 784 -1.88 -41.14 -0.76
CA LYS A 784 -1.54 -42.55 -0.53
C LYS A 784 -0.21 -42.87 -1.19
N GLY A 785 0.63 -43.63 -0.49
CA GLY A 785 1.89 -44.08 -1.04
C GLY A 785 3.05 -43.15 -0.72
N GLU A 786 3.88 -42.87 -1.74
CA GLU A 786 4.99 -41.96 -1.54
C GLU A 786 4.53 -40.52 -1.34
N ILE A 787 3.30 -40.20 -1.75
CA ILE A 787 2.78 -38.84 -1.60
C ILE A 787 2.57 -38.49 -0.14
N TYR A 788 2.36 -39.50 0.72
CA TYR A 788 2.11 -39.26 2.14
C TYR A 788 3.18 -38.40 2.78
N ASP A 789 4.45 -38.66 2.47
CA ASP A 789 5.53 -37.94 3.13
C ASP A 789 5.56 -36.47 2.69
N ALA A 790 5.48 -36.22 1.39
CA ALA A 790 5.48 -34.85 0.90
C ALA A 790 4.25 -34.10 1.39
N ALA A 791 3.11 -34.80 1.51
CA ALA A 791 1.88 -34.16 1.94
C ALA A 791 1.94 -33.78 3.42
N ILE A 792 2.36 -34.70 4.27
CA ILE A 792 2.56 -34.37 5.69
C ILE A 792 3.54 -33.23 5.83
N ASP A 793 4.62 -33.24 5.04
CA ASP A 793 5.60 -32.17 5.11
C ASP A 793 5.01 -30.83 4.71
N LEU A 794 4.15 -30.82 3.69
CA LEU A 794 3.53 -29.57 3.25
C LEU A 794 2.58 -29.03 4.31
N PHE A 795 1.87 -29.90 5.01
CA PHE A 795 0.94 -29.44 6.04
C PHE A 795 1.70 -28.89 7.25
N THR A 796 2.81 -29.53 7.62
CA THR A 796 3.58 -29.07 8.77
C THR A 796 4.21 -27.71 8.52
N ARG A 797 4.67 -27.48 7.28
CA ARG A 797 5.30 -26.20 6.96
C ARG A 797 4.25 -25.08 6.89
N SER A 798 3.14 -25.34 6.19
CA SER A 798 2.09 -24.33 6.08
C SER A 798 1.46 -24.04 7.43
N CYS A 799 1.29 -25.07 8.27
CA CYS A 799 0.76 -24.85 9.62
C CYS A 799 1.70 -23.95 10.43
N ALA A 800 3.00 -24.23 10.35
CA ALA A 800 3.97 -23.42 11.09
C ALA A 800 3.92 -21.96 10.65
N GLY A 801 3.82 -21.72 9.35
CA GLY A 801 3.76 -20.35 8.86
C GLY A 801 2.54 -19.61 9.37
N TYR A 802 1.37 -20.24 9.29
CA TYR A 802 0.15 -19.57 9.71
C TYR A 802 0.03 -19.48 11.22
N CYS A 803 0.59 -20.45 11.96
CA CYS A 803 0.62 -20.31 13.41
C CYS A 803 1.43 -19.10 13.83
N VAL A 804 2.62 -18.94 13.24
CA VAL A 804 3.48 -17.81 13.57
C VAL A 804 2.85 -16.51 13.09
N ALA A 805 2.36 -16.49 11.85
CA ALA A 805 1.81 -15.26 11.28
C ALA A 805 0.58 -14.81 12.04
N THR A 806 -0.32 -15.74 12.37
CA THR A 806 -1.52 -15.36 13.10
C THR A 806 -1.20 -14.91 14.52
N PHE A 807 -0.19 -15.53 15.16
CA PHE A 807 0.21 -15.08 16.48
C PHE A 807 0.76 -13.67 16.45
N ILE A 808 1.73 -13.42 15.55
CA ILE A 808 2.36 -12.11 15.47
C ILE A 808 1.32 -11.04 15.19
N LEU A 809 0.46 -11.28 14.22
CA LEU A 809 -0.53 -10.29 13.79
C LEU A 809 -1.76 -10.24 14.69
N GLY A 810 -1.79 -11.00 15.78
CA GLY A 810 -2.96 -11.00 16.64
C GLY A 810 -4.24 -11.42 15.94
N ILE A 811 -4.15 -12.42 15.05
CA ILE A 811 -5.30 -12.88 14.27
C ILE A 811 -6.16 -13.74 15.19
N GLY A 812 -7.25 -13.17 15.70
CA GLY A 812 -8.18 -13.89 16.53
C GLY A 812 -9.36 -14.44 15.74
N ASP A 813 -10.30 -15.04 16.48
CA ASP A 813 -11.52 -15.59 15.91
C ASP A 813 -11.21 -16.63 14.83
N ARG A 814 -10.41 -17.63 15.20
CA ARG A 814 -9.98 -18.66 14.27
C ARG A 814 -10.61 -19.98 14.65
N HIS A 815 -11.59 -20.41 13.85
CA HIS A 815 -12.32 -21.64 14.01
C HIS A 815 -12.17 -22.49 12.75
N ASN A 816 -12.74 -23.70 12.82
CA ASN A 816 -12.53 -24.69 11.77
C ASN A 816 -13.15 -24.30 10.44
N SER A 817 -13.93 -23.20 10.40
CA SER A 817 -14.43 -22.68 9.13
C SER A 817 -13.58 -21.54 8.59
N ASN A 818 -12.57 -21.08 9.33
CA ASN A 818 -11.62 -20.09 8.83
C ASN A 818 -10.30 -20.69 8.40
N ILE A 819 -10.11 -22.00 8.54
CA ILE A 819 -8.85 -22.65 8.18
C ILE A 819 -9.18 -23.77 7.21
N MET A 820 -8.63 -23.69 5.99
CA MET A 820 -8.85 -24.73 5.00
C MET A 820 -7.55 -25.48 4.70
N VAL A 821 -7.71 -26.60 4.02
CA VAL A 821 -6.60 -27.47 3.65
C VAL A 821 -6.79 -27.89 2.19
N LYS A 822 -5.73 -27.75 1.40
CA LYS A 822 -5.79 -28.25 0.03
C LYS A 822 -5.58 -29.76 0.02
N ASP A 823 -5.92 -30.39 -1.10
CA ASP A 823 -5.77 -31.84 -1.22
C ASP A 823 -4.31 -32.27 -1.07
N ASP A 824 -3.37 -31.43 -1.50
CA ASP A 824 -1.96 -31.75 -1.31
C ASP A 824 -1.47 -31.47 0.10
N GLY A 825 -2.35 -31.07 1.01
CA GLY A 825 -2.01 -30.86 2.40
C GLY A 825 -1.73 -29.43 2.81
N GLN A 826 -1.89 -28.46 1.91
CA GLN A 826 -1.52 -27.08 2.19
C GLN A 826 -2.58 -26.41 3.05
N LEU A 827 -2.23 -26.08 4.29
CA LEU A 827 -3.08 -25.34 5.22
C LEU A 827 -2.90 -23.84 5.03
N PHE A 828 -3.96 -23.09 5.37
CA PHE A 828 -4.01 -21.69 5.00
C PHE A 828 -5.30 -21.09 5.55
N HIS A 829 -5.21 -19.86 6.04
CA HIS A 829 -6.33 -19.23 6.72
C HIS A 829 -7.07 -18.27 5.79
N ILE A 830 -8.23 -17.81 6.25
CA ILE A 830 -9.21 -17.14 5.41
C ILE A 830 -10.01 -16.16 6.27
N ASP A 831 -10.61 -15.16 5.60
CA ASP A 831 -11.54 -14.22 6.21
C ASP A 831 -10.84 -13.43 7.32
N PHE A 832 -9.95 -12.55 6.88
CA PHE A 832 -9.10 -11.78 7.78
C PHE A 832 -9.75 -10.44 8.15
N GLY A 833 -10.97 -10.50 8.68
CA GLY A 833 -11.62 -9.27 9.11
C GLY A 833 -10.97 -8.68 10.33
N HIS A 834 -10.70 -9.49 11.35
CA HIS A 834 -10.22 -9.02 12.64
C HIS A 834 -8.80 -9.49 12.90
N PHE A 835 -8.03 -8.60 13.54
CA PHE A 835 -6.59 -8.66 13.42
C PHE A 835 -6.00 -7.58 14.31
N LEU A 836 -4.90 -7.91 14.96
CA LEU A 836 -4.36 -7.14 16.07
C LEU A 836 -5.35 -7.06 17.25
N ASP A 837 -6.09 -8.14 17.49
CA ASP A 837 -6.97 -8.28 18.66
C ASP A 837 -7.85 -7.05 18.90
N VAL A 850 -4.80 -12.32 21.74
CA VAL A 850 -5.00 -13.71 21.34
C VAL A 850 -3.68 -14.48 21.46
N PRO A 851 -3.74 -15.70 21.99
CA PRO A 851 -2.50 -16.48 22.17
C PRO A 851 -2.11 -17.29 20.95
N PHE A 852 -1.10 -18.14 21.12
CA PHE A 852 -0.68 -19.06 20.07
C PHE A 852 -1.70 -20.19 19.97
N VAL A 853 -2.04 -20.58 18.74
CA VAL A 853 -3.15 -21.49 18.50
C VAL A 853 -2.63 -22.76 17.81
N LEU A 854 -2.90 -23.91 18.43
CA LEU A 854 -2.57 -25.23 17.88
C LEU A 854 -3.61 -26.22 18.41
N THR A 855 -4.56 -26.58 17.57
CA THR A 855 -5.49 -27.64 17.94
C THR A 855 -4.80 -29.00 17.93
N GLN A 856 -5.35 -29.93 18.71
CA GLN A 856 -4.85 -31.30 18.68
C GLN A 856 -4.94 -31.91 17.29
N ASP A 857 -5.92 -31.47 16.49
CA ASP A 857 -6.10 -32.02 15.15
C ASP A 857 -4.85 -31.79 14.29
N PHE A 858 -4.27 -30.59 14.39
CA PHE A 858 -3.07 -30.27 13.63
C PHE A 858 -1.89 -31.11 14.10
N LEU A 859 -1.70 -31.18 15.42
CA LEU A 859 -0.52 -31.85 15.97
C LEU A 859 -0.52 -33.34 15.61
N ILE A 860 -1.69 -33.98 15.62
CA ILE A 860 -1.76 -35.38 15.24
C ILE A 860 -1.26 -35.58 13.81
N VAL A 861 -1.56 -34.63 12.92
CA VAL A 861 -1.10 -34.73 11.54
C VAL A 861 0.41 -34.59 11.48
N ILE A 862 0.98 -33.67 12.26
CA ILE A 862 2.42 -33.44 12.24
C ILE A 862 3.17 -34.70 12.65
N SER A 863 2.81 -35.27 13.81
CA SER A 863 3.46 -36.47 14.32
C SER A 863 3.02 -37.74 13.61
N LYS A 864 2.36 -37.62 12.46
CA LYS A 864 1.94 -38.77 11.65
C LYS A 864 1.10 -39.75 12.47
N GLY A 865 0.18 -39.23 13.27
CA GLY A 865 -0.75 -40.05 14.02
C GLY A 865 -0.28 -40.48 15.39
N ALA A 866 0.85 -39.97 15.87
CA ALA A 866 1.36 -40.39 17.17
C ALA A 866 0.54 -39.76 18.29
N GLN A 867 0.58 -40.41 19.45
CA GLN A 867 -0.24 -39.98 20.59
C GLN A 867 0.22 -38.62 21.10
N GLU A 868 1.42 -38.56 21.65
CA GLU A 868 1.99 -37.31 22.13
C GLU A 868 2.88 -36.71 21.05
N CYS A 869 2.64 -35.45 20.72
CA CYS A 869 3.40 -34.81 19.65
C CYS A 869 4.70 -34.24 20.18
N THR A 870 4.63 -33.52 21.31
CA THR A 870 5.79 -33.03 22.05
C THR A 870 6.85 -34.11 22.20
N LYS A 871 6.41 -35.37 22.31
CA LYS A 871 7.34 -36.49 22.44
C LYS A 871 8.04 -36.81 21.13
N THR A 872 7.37 -36.63 20.00
CA THR A 872 7.90 -37.11 18.73
C THR A 872 8.90 -36.12 18.13
N ARG A 873 9.72 -36.64 17.21
CA ARG A 873 10.73 -35.84 16.54
C ARG A 873 10.12 -34.80 15.60
N GLU A 874 8.95 -35.11 15.02
CA GLU A 874 8.34 -34.18 14.07
C GLU A 874 7.92 -32.88 14.74
N PHE A 875 7.45 -32.96 15.98
CA PHE A 875 7.08 -31.74 16.71
C PHE A 875 8.30 -30.90 17.05
N GLU A 876 9.45 -31.55 17.27
CA GLU A 876 10.69 -30.80 17.45
C GLU A 876 11.04 -30.02 16.18
N ARG A 877 10.95 -30.69 15.03
CA ARG A 877 11.17 -30.00 13.76
C ARG A 877 10.09 -28.96 13.48
N PHE A 878 8.87 -29.20 13.96
CA PHE A 878 7.81 -28.20 13.81
C PHE A 878 8.14 -26.94 14.61
N GLN A 879 8.56 -27.10 15.87
CA GLN A 879 8.88 -25.94 16.69
C GLN A 879 10.04 -25.13 16.12
N GLU A 880 11.12 -25.79 15.69
CA GLU A 880 12.26 -25.04 15.17
C GLU A 880 11.88 -24.21 13.95
N MET A 881 10.93 -24.70 13.15
CA MET A 881 10.40 -23.88 12.05
C MET A 881 9.75 -22.62 12.60
N CYS A 882 8.92 -22.77 13.63
CA CYS A 882 8.23 -21.62 14.21
C CYS A 882 9.21 -20.62 14.81
N TYR A 883 10.13 -21.10 15.66
CA TYR A 883 11.09 -20.20 16.30
C TYR A 883 11.90 -19.45 15.25
N LYS A 884 12.34 -20.16 14.20
CA LYS A 884 13.08 -19.49 13.13
C LYS A 884 12.18 -18.54 12.36
N ALA A 885 10.95 -18.95 12.06
CA ALA A 885 10.01 -18.04 11.40
C ALA A 885 9.68 -16.85 12.27
N TYR A 886 9.56 -17.07 13.58
CA TYR A 886 9.29 -15.98 14.51
C TYR A 886 10.45 -14.99 14.56
N LEU A 887 11.67 -15.49 14.73
CA LEU A 887 12.82 -14.60 14.81
C LEU A 887 13.12 -13.93 13.48
N ALA A 888 12.77 -14.57 12.37
CA ALA A 888 12.93 -13.94 11.06
C ALA A 888 12.06 -12.70 10.92
N ILE A 889 10.78 -12.81 11.32
CA ILE A 889 9.90 -11.66 11.26
C ILE A 889 10.34 -10.58 12.24
N ARG A 890 10.82 -11.00 13.41
CA ARG A 890 11.27 -10.04 14.41
C ARG A 890 12.46 -9.23 13.91
N GLN A 891 13.36 -9.87 13.15
CA GLN A 891 14.49 -9.19 12.56
C GLN A 891 14.07 -8.18 11.50
N HIS A 892 12.84 -8.28 10.98
CA HIS A 892 12.28 -7.33 10.03
C HIS A 892 11.11 -6.55 10.62
N ALA A 893 11.15 -6.30 11.93
CA ALA A 893 10.01 -5.68 12.60
C ALA A 893 9.76 -4.27 12.07
N ASN A 894 10.82 -3.54 11.76
CA ASN A 894 10.66 -2.15 11.32
C ASN A 894 9.85 -2.07 10.04
N LEU A 895 10.05 -3.03 9.13
CA LEU A 895 9.26 -3.07 7.90
C LEU A 895 7.78 -3.11 8.20
N PHE A 896 7.36 -4.06 9.04
CA PHE A 896 5.93 -4.24 9.28
C PHE A 896 5.36 -3.08 10.08
N ILE A 897 6.11 -2.57 11.05
CA ILE A 897 5.66 -1.42 11.83
C ILE A 897 5.39 -0.23 10.92
N ASN A 898 6.34 0.06 10.02
CA ASN A 898 6.16 1.20 9.13
C ASN A 898 4.99 0.97 8.17
N LEU A 899 4.82 -0.26 7.68
CA LEU A 899 3.70 -0.54 6.78
C LEU A 899 2.37 -0.27 7.45
N PHE A 900 2.21 -0.70 8.70
CA PHE A 900 0.97 -0.40 9.43
C PHE A 900 0.86 1.09 9.74
N SER A 901 1.99 1.75 10.04
CA SER A 901 1.96 3.17 10.34
C SER A 901 1.45 3.98 9.15
N MET A 902 1.84 3.57 7.94
CA MET A 902 1.41 4.26 6.73
C MET A 902 -0.09 4.13 6.50
N MET A 903 -0.74 3.14 7.12
CA MET A 903 -2.14 2.85 6.90
C MET A 903 -3.05 3.57 7.89
N LEU A 904 -2.50 4.45 8.73
CA LEU A 904 -3.29 5.04 9.81
C LEU A 904 -4.32 6.03 9.28
N GLY A 905 -3.94 6.87 8.32
CA GLY A 905 -4.90 7.81 7.78
C GLY A 905 -5.91 7.21 6.84
N SER A 906 -5.77 5.91 6.52
CA SER A 906 -6.62 5.27 5.53
C SER A 906 -8.10 5.38 5.85
N GLY A 907 -8.45 5.63 7.11
CA GLY A 907 -9.82 5.51 7.54
C GLY A 907 -10.26 4.09 7.77
N MET A 908 -9.36 3.12 7.70
CA MET A 908 -9.70 1.76 8.06
C MET A 908 -10.05 1.69 9.54
N PRO A 909 -11.10 0.93 9.90
CA PRO A 909 -11.58 1.00 11.29
C PRO A 909 -10.58 0.46 12.30
N GLU A 910 -9.94 -0.66 12.01
CA GLU A 910 -9.11 -1.35 12.99
C GLU A 910 -7.66 -0.89 12.98
N LEU A 911 -7.30 0.08 12.14
CA LEU A 911 -6.00 0.73 12.19
C LEU A 911 -6.28 2.24 12.20
N GLN A 912 -6.46 2.78 13.41
CA GLN A 912 -6.77 4.19 13.57
C GLN A 912 -5.88 4.89 14.59
N SER A 913 -5.14 4.16 15.43
CA SER A 913 -4.22 4.77 16.37
C SER A 913 -2.98 3.88 16.51
N PHE A 914 -1.89 4.47 16.98
CA PHE A 914 -0.69 3.69 17.24
C PHE A 914 -0.90 2.68 18.35
N ASP A 915 -1.94 2.84 19.17
CA ASP A 915 -2.30 1.81 20.14
C ASP A 915 -2.67 0.51 19.44
N ASP A 916 -3.33 0.61 18.29
CA ASP A 916 -3.66 -0.57 17.51
C ASP A 916 -2.41 -1.30 17.04
N ILE A 917 -1.34 -0.54 16.73
CA ILE A 917 -0.12 -1.14 16.21
C ILE A 917 0.77 -1.67 17.33
N ALA A 918 0.64 -1.12 18.55
CA ALA A 918 1.52 -1.50 19.65
C ALA A 918 1.45 -2.98 19.99
N TYR A 919 0.41 -3.68 19.53
CA TYR A 919 0.27 -5.09 19.85
C TYR A 919 1.34 -5.95 19.17
N ILE A 920 1.86 -5.53 18.03
CA ILE A 920 2.95 -6.28 17.41
C ILE A 920 4.27 -6.04 18.13
N ARG A 921 4.40 -4.96 18.92
CA ARG A 921 5.57 -4.85 19.77
C ARG A 921 5.51 -5.87 20.90
N LYS A 922 4.31 -6.21 21.35
CA LYS A 922 4.15 -7.18 22.43
C LYS A 922 4.37 -8.60 21.94
N THR A 923 3.73 -8.98 20.83
CA THR A 923 3.91 -10.31 20.29
C THR A 923 5.34 -10.55 19.77
N LEU A 924 6.06 -9.50 19.38
CA LEU A 924 7.43 -9.63 18.91
C LEU A 924 8.46 -9.25 19.95
N ALA A 925 8.03 -8.74 21.11
CA ALA A 925 8.91 -8.44 22.25
C ALA A 925 10.10 -7.57 21.83
N LEU A 926 9.78 -6.36 21.38
CA LEU A 926 10.83 -5.47 20.89
C LEU A 926 11.53 -4.74 22.02
N ASP A 927 10.86 -4.53 23.15
CA ASP A 927 11.48 -3.93 24.32
C ASP A 927 12.34 -4.92 25.11
N LYS A 928 12.40 -6.17 24.68
CA LYS A 928 13.23 -7.19 25.30
C LYS A 928 14.38 -7.55 24.35
N THR A 929 15.18 -8.52 24.75
CA THR A 929 16.30 -8.97 23.93
C THR A 929 15.90 -10.22 23.14
N GLU A 930 16.65 -10.46 22.06
CA GLU A 930 16.37 -11.59 21.19
C GLU A 930 16.36 -12.91 21.95
N GLN A 931 17.20 -13.04 22.96
CA GLN A 931 17.11 -14.13 23.92
C GLN A 931 15.74 -14.17 24.58
N GLU A 932 15.46 -13.15 25.38
CA GLU A 932 14.23 -13.11 26.16
C GLU A 932 12.99 -13.05 25.27
N ALA A 933 13.12 -12.55 24.05
CA ALA A 933 12.01 -12.61 23.11
C ALA A 933 11.76 -14.04 22.66
N LEU A 934 12.82 -14.79 22.35
CA LEU A 934 12.66 -16.20 22.02
C LEU A 934 12.02 -16.97 23.17
N GLU A 935 12.46 -16.69 24.41
CA GLU A 935 11.88 -17.36 25.57
C GLU A 935 10.40 -17.00 25.74
N TYR A 936 10.04 -15.75 25.45
CA TYR A 936 8.63 -15.37 25.45
C TYR A 936 7.83 -16.20 24.45
N PHE A 937 8.40 -16.40 23.26
CA PHE A 937 7.71 -17.20 22.24
C PHE A 937 7.89 -18.68 22.49
N MET A 938 8.98 -19.09 23.16
CA MET A 938 9.03 -20.42 23.76
C MET A 938 7.79 -20.67 24.62
N LYS A 939 7.51 -19.73 25.53
CA LYS A 939 6.43 -19.91 26.49
C LYS A 939 5.06 -19.80 25.81
N GLN A 940 4.87 -18.75 25.00
CA GLN A 940 3.60 -18.57 24.30
C GLN A 940 3.19 -19.80 23.51
N MET A 941 4.17 -20.58 23.04
CA MET A 941 3.84 -21.76 22.25
C MET A 941 3.46 -22.94 23.14
N ASN A 942 4.24 -23.19 24.19
CA ASN A 942 3.96 -24.32 25.08
C ASN A 942 2.74 -24.09 25.96
N ASP A 943 2.21 -22.86 26.01
CA ASP A 943 0.98 -22.63 26.74
C ASP A 943 -0.23 -23.27 26.08
N ALA A 944 -0.09 -23.73 24.83
CA ALA A 944 -1.12 -24.50 24.13
C ALA A 944 -2.50 -23.82 24.18
#